data_6TFO
#
_entry.id   6TFO
#
_cell.length_a   77.072
_cell.length_b   77.072
_cell.length_c   754.548
_cell.angle_alpha   90.000
_cell.angle_beta   90.000
_cell.angle_gamma   120.000
#
_symmetry.space_group_name_H-M   'P 65 2 2'
#
loop_
_entity.id
_entity.type
_entity.pdbx_description
1 polymer 'Copper-containing nitrite reductase'
2 non-polymer 'COPPER (II) ION'
3 water water
#
_entity_poly.entity_id   1
_entity_poly.type   'polypeptide(L)'
_entity_poly.pdbx_seq_one_letter_code
;MAADAPAASQQSKPSESDKSESSMSSHAPVVFTLRTGIAEGRMVYIGVGGDIDRQVNPKLVVHEGETVQINLINGEGAQH
DAVIDQYAARSAIVSGKNASSTFSFIASKVGQFDYYCSLPGHRQAGMQGVLQVVPGNRAEMPSTAADITRDPADLPGPIG
ARQAKTVRIDLETVELKGQLDDKTTYTYWTFNGKVPGPFLRVRVGDTVELHLKNAKDSLMIHSVDFHGATGPGGAAAYTQ
TDPGAETVVTFKALVPGIFVYHCATPSVPNHITNGMYGLLLVEPEGGLPQVDREFYVMQGEIYTVKPFGTSGEQEMDYEK
LISEKPEYFLFNGSVGALTRTHPLYANVGETVRIFFGVGGPNFTSSFHVIGEIFDHVYALGSVTSPPLTGVQTVSVPPGG
ATIVDFKLDRGGRYVLVDHALSRLDHGLVGFLNVDGPKNDAIMHEGPPKQENLYFQ
;
_entity_poly.pdbx_strand_id   A,B,C
#
# COMPACT_ATOMS: atom_id res chain seq x y z
N SER A 26 4.61 -11.17 25.98
CA SER A 26 3.49 -11.54 25.08
C SER A 26 3.51 -10.73 23.79
N HIS A 27 2.88 -11.34 22.79
CA HIS A 27 2.73 -10.92 21.37
C HIS A 27 1.33 -10.30 21.25
N ALA A 28 0.45 -10.59 22.23
CA ALA A 28 -0.88 -9.95 22.48
C ALA A 28 -0.82 -9.13 23.77
N PRO A 29 -0.17 -7.93 23.80
CA PRO A 29 -0.16 -7.09 25.01
C PRO A 29 -1.58 -6.56 25.31
N VAL A 30 -1.94 -6.43 26.59
CA VAL A 30 -3.15 -5.66 27.01
C VAL A 30 -2.83 -4.16 26.90
N VAL A 31 -3.60 -3.45 26.08
CA VAL A 31 -3.32 -2.03 25.71
C VAL A 31 -4.32 -1.06 26.39
N PHE A 32 -3.79 0.05 26.87
CA PHE A 32 -4.51 1.20 27.47
C PHE A 32 -3.96 2.47 26.84
N THR A 33 -4.85 3.32 26.32
CA THR A 33 -4.51 4.66 25.75
C THR A 33 -4.99 5.75 26.73
N LEU A 34 -4.09 6.64 27.12
CA LEU A 34 -4.41 7.79 28.00
C LEU A 34 -4.13 9.07 27.22
N ARG A 35 -5.09 9.98 27.19
CA ARG A 35 -4.93 11.38 26.73
C ARG A 35 -4.92 12.30 27.97
N THR A 36 -3.92 13.16 28.10
CA THR A 36 -3.85 14.17 29.17
C THR A 36 -4.92 15.23 28.86
N GLY A 37 -5.47 15.86 29.90
CA GLY A 37 -6.39 16.99 29.73
C GLY A 37 -6.94 17.51 31.03
N ILE A 38 -8.09 18.19 30.97
CA ILE A 38 -8.77 18.90 32.08
C ILE A 38 -10.17 18.30 32.21
N ALA A 39 -10.49 17.75 33.37
CA ALA A 39 -11.82 17.18 33.67
C ALA A 39 -12.01 17.24 35.17
N GLU A 40 -13.26 17.41 35.61
CA GLU A 40 -13.63 17.39 37.05
C GLU A 40 -12.71 18.35 37.80
N GLY A 41 -12.40 19.51 37.19
CA GLY A 41 -11.70 20.64 37.85
C GLY A 41 -10.23 20.39 38.08
N ARG A 42 -9.69 19.33 37.46
CA ARG A 42 -8.30 18.87 37.67
C ARG A 42 -7.61 18.62 36.30
N MET A 43 -6.28 18.68 36.32
CA MET A 43 -5.42 18.18 35.23
C MET A 43 -5.26 16.66 35.43
N VAL A 44 -5.74 15.86 34.47
CA VAL A 44 -5.93 14.40 34.64
C VAL A 44 -5.47 13.62 33.39
N TYR A 45 -5.50 12.29 33.53
CA TYR A 45 -5.46 11.35 32.39
C TYR A 45 -6.91 11.04 32.06
N ILE A 46 -7.22 10.98 30.77
CA ILE A 46 -8.55 10.55 30.26
C ILE A 46 -8.36 9.31 29.40
N GLY A 47 -9.11 8.24 29.71
CA GLY A 47 -9.12 6.98 28.94
C GLY A 47 -9.63 7.18 27.54
N VAL A 48 -9.03 6.48 26.57
CA VAL A 48 -9.42 6.49 25.13
C VAL A 48 -9.68 5.04 24.70
N GLY A 49 -10.89 4.77 24.22
CA GLY A 49 -11.35 3.46 23.70
C GLY A 49 -11.43 2.41 24.79
N GLY A 50 -11.90 1.21 24.43
CA GLY A 50 -11.92 0.04 25.31
C GLY A 50 -12.90 0.22 26.45
N ASP A 51 -12.57 -0.35 27.61
CA ASP A 51 -13.42 -0.33 28.84
C ASP A 51 -13.20 0.99 29.58
N ILE A 52 -12.35 1.89 29.08
CA ILE A 52 -11.94 3.09 29.85
C ILE A 52 -12.27 4.37 29.08
N ASP A 53 -13.06 4.30 28.00
CA ASP A 53 -13.29 5.49 27.11
C ASP A 53 -13.89 6.62 27.96
N ARG A 54 -13.25 7.80 27.94
CA ARG A 54 -13.75 9.08 28.50
C ARG A 54 -13.74 9.09 30.02
N GLN A 55 -13.32 8.00 30.67
CA GLN A 55 -13.16 7.97 32.15
C GLN A 55 -11.92 8.76 32.55
N VAL A 56 -11.98 9.47 33.68
CA VAL A 56 -10.85 10.32 34.12
C VAL A 56 -10.06 9.48 35.11
N ASN A 57 -8.72 9.53 35.01
CA ASN A 57 -7.78 8.72 35.82
C ASN A 57 -8.31 7.29 35.94
N PRO A 58 -8.55 6.59 34.79
CA PRO A 58 -9.20 5.27 34.82
C PRO A 58 -8.33 4.22 35.52
N LYS A 59 -8.98 3.31 36.23
CA LYS A 59 -8.32 2.12 36.81
C LYS A 59 -7.97 1.17 35.65
N LEU A 60 -6.70 0.80 35.54
CA LEU A 60 -6.22 -0.13 34.49
C LEU A 60 -6.14 -1.55 35.08
N VAL A 61 -7.16 -2.37 34.83
CA VAL A 61 -7.26 -3.75 35.41
C VAL A 61 -6.56 -4.73 34.46
N VAL A 62 -5.58 -5.41 35.01
CA VAL A 62 -4.61 -6.31 34.33
C VAL A 62 -4.50 -7.57 35.19
N HIS A 63 -4.26 -8.72 34.57
CA HIS A 63 -4.08 -10.01 35.28
C HIS A 63 -2.60 -10.33 35.37
N GLU A 64 -2.19 -10.92 36.49
CA GLU A 64 -0.80 -11.35 36.80
C GLU A 64 -0.17 -11.95 35.54
N GLY A 65 1.05 -11.51 35.21
CA GLY A 65 1.83 -12.07 34.12
C GLY A 65 1.45 -11.52 32.75
N GLU A 66 0.40 -10.72 32.62
CA GLU A 66 0.08 -10.07 31.31
C GLU A 66 1.16 -9.04 30.98
N THR A 67 1.41 -8.84 29.69
CA THR A 67 2.23 -7.74 29.14
C THR A 67 1.29 -6.54 28.96
N VAL A 68 1.70 -5.38 29.48
CA VAL A 68 0.86 -4.16 29.52
C VAL A 68 1.54 -3.12 28.63
N GLN A 69 0.77 -2.58 27.68
CA GLN A 69 1.19 -1.46 26.81
C GLN A 69 0.31 -0.27 27.18
N ILE A 70 0.92 0.84 27.58
CA ILE A 70 0.23 2.11 27.88
C ILE A 70 0.71 3.11 26.84
N ASN A 71 -0.23 3.62 26.03
CA ASN A 71 0.01 4.70 25.04
C ASN A 71 -0.36 6.05 25.69
N LEU A 72 0.62 6.92 25.95
CA LEU A 72 0.34 8.30 26.45
C LEU A 72 0.29 9.26 25.26
N ILE A 73 -0.81 10.00 25.14
CA ILE A 73 -1.04 11.05 24.12
C ILE A 73 -1.34 12.37 24.84
N ASN A 74 -0.57 13.40 24.51
CA ASN A 74 -0.72 14.78 25.04
C ASN A 74 -2.00 15.39 24.47
N GLY A 75 -2.94 15.77 25.32
CA GLY A 75 -4.24 16.36 24.91
C GLY A 75 -4.19 17.88 24.79
N GLU A 76 -3.69 18.57 25.82
CA GLU A 76 -3.91 20.03 26.02
C GLU A 76 -2.61 20.85 25.87
N GLY A 77 -1.42 20.24 25.97
CA GLY A 77 -0.18 20.91 25.51
C GLY A 77 0.77 21.28 26.62
N ALA A 78 0.57 20.78 27.84
CA ALA A 78 1.57 20.91 28.92
C ALA A 78 2.56 19.73 28.81
N GLN A 79 3.65 19.73 29.58
CA GLN A 79 4.61 18.59 29.62
C GLN A 79 4.02 17.52 30.52
N HIS A 80 4.10 16.26 30.07
CA HIS A 80 3.53 15.08 30.76
C HIS A 80 4.37 13.83 30.50
N ASP A 81 4.41 12.96 31.51
CA ASP A 81 4.76 11.53 31.36
C ASP A 81 3.76 10.72 32.19
N ALA A 82 3.91 9.41 32.18
CA ALA A 82 3.25 8.47 33.09
C ALA A 82 4.34 7.60 33.69
N VAL A 83 4.32 7.42 35.01
CA VAL A 83 5.36 6.67 35.76
C VAL A 83 4.65 5.67 36.66
N ILE A 84 5.21 4.46 36.77
CA ILE A 84 4.78 3.38 37.71
C ILE A 84 6.05 2.91 38.43
N ASP A 85 6.20 3.23 39.70
CA ASP A 85 7.51 3.15 40.40
C ASP A 85 7.93 1.69 40.56
N GLN A 86 7.00 0.83 40.97
CA GLN A 86 7.25 -0.56 41.44
C GLN A 86 7.58 -1.44 40.23
N TYR A 87 7.36 -0.94 39.01
CA TYR A 87 7.71 -1.61 37.72
C TYR A 87 8.87 -0.89 37.03
N ALA A 88 9.45 0.12 37.65
CA ALA A 88 10.46 0.99 37.00
C ALA A 88 10.05 1.26 35.55
N ALA A 89 8.76 1.43 35.29
CA ALA A 89 8.16 1.64 33.95
C ALA A 89 7.78 3.11 33.81
N ARG A 90 8.14 3.76 32.70
CA ARG A 90 7.68 5.14 32.43
C ARG A 90 7.62 5.40 30.92
N SER A 91 6.75 6.32 30.53
CA SER A 91 6.76 6.96 29.19
C SER A 91 7.93 7.93 29.14
N ALA A 92 8.23 8.42 27.95
CA ALA A 92 9.04 9.65 27.76
C ALA A 92 8.14 10.86 28.10
N ILE A 93 8.72 12.04 28.24
CA ILE A 93 7.99 13.32 28.40
C ILE A 93 7.40 13.72 27.03
N VAL A 94 6.09 13.94 26.97
CA VAL A 94 5.42 14.44 25.74
C VAL A 94 5.05 15.92 25.95
N SER A 95 5.44 16.81 25.02
CA SER A 95 5.38 18.28 25.21
C SER A 95 4.20 18.92 24.45
N GLY A 96 4.16 18.78 23.13
CA GLY A 96 3.10 19.42 22.31
C GLY A 96 1.81 18.61 22.31
N LYS A 97 0.73 19.21 21.83
N LYS A 97 0.73 19.21 21.83
CA LYS A 97 -0.57 18.53 21.61
CA LYS A 97 -0.57 18.53 21.61
C LYS A 97 -0.34 17.39 20.60
C LYS A 97 -0.34 17.39 20.60
N ASN A 98 -0.85 16.20 20.92
CA ASN A 98 -0.77 14.95 20.10
C ASN A 98 0.56 14.21 20.27
N ALA A 99 1.59 14.82 20.88
CA ALA A 99 2.89 14.17 21.16
C ALA A 99 2.61 12.91 21.99
N SER A 100 3.21 11.78 21.60
CA SER A 100 2.89 10.44 22.15
C SER A 100 4.16 9.73 22.61
N SER A 101 3.99 8.83 23.58
CA SER A 101 5.04 7.89 24.04
C SER A 101 4.32 6.66 24.57
N THR A 102 4.68 5.49 24.04
CA THR A 102 4.16 4.19 24.51
C THR A 102 5.31 3.51 25.25
N PHE A 103 4.94 2.75 26.29
CA PHE A 103 5.85 1.94 27.14
C PHE A 103 5.11 0.65 27.50
N SER A 104 5.86 -0.38 27.87
CA SER A 104 5.30 -1.69 28.26
C SER A 104 6.13 -2.30 29.37
N PHE A 105 5.55 -3.34 29.95
CA PHE A 105 6.13 -4.05 31.10
C PHE A 105 5.27 -5.30 31.29
N ILE A 106 5.79 -6.25 32.04
CA ILE A 106 5.09 -7.50 32.45
C ILE A 106 4.48 -7.23 33.83
N ALA A 107 3.17 -7.42 33.94
CA ALA A 107 2.44 -7.26 35.21
C ALA A 107 2.73 -8.48 36.10
N SER A 108 3.96 -8.53 36.61
CA SER A 108 4.51 -9.69 37.35
C SER A 108 4.08 -9.67 38.82
N LYS A 109 3.75 -8.49 39.37
CA LYS A 109 3.41 -8.31 40.80
C LYS A 109 1.93 -7.92 40.94
N VAL A 110 1.17 -8.71 41.71
CA VAL A 110 -0.27 -8.47 42.03
C VAL A 110 -0.33 -7.25 42.95
N GLY A 111 -1.43 -6.50 42.89
CA GLY A 111 -1.70 -5.37 43.81
C GLY A 111 -2.14 -4.12 43.07
N GLN A 112 -2.04 -2.97 43.73
CA GLN A 112 -2.45 -1.66 43.17
C GLN A 112 -1.23 -0.75 43.16
N PHE A 113 -1.02 -0.07 42.03
CA PHE A 113 0.20 0.74 41.76
C PHE A 113 -0.27 2.02 41.09
N ASP A 114 0.20 3.16 41.59
CA ASP A 114 -0.11 4.50 41.00
C ASP A 114 0.63 4.63 39.69
N TYR A 115 -0.09 4.97 38.62
CA TYR A 115 0.49 5.67 37.45
C TYR A 115 0.25 7.17 37.68
N TYR A 116 1.29 7.97 37.47
CA TYR A 116 1.27 9.41 37.76
C TYR A 116 2.22 10.16 36.83
N CYS A 117 2.02 11.47 36.72
CA CYS A 117 2.91 12.40 35.99
C CYS A 117 3.96 12.92 36.95
N SER A 118 5.22 12.90 36.56
CA SER A 118 6.35 13.31 37.44
C SER A 118 6.68 14.79 37.21
N LEU A 119 6.06 15.47 36.25
CA LEU A 119 6.35 16.90 35.98
C LEU A 119 6.00 17.72 37.22
N PRO A 120 6.73 18.81 37.54
CA PRO A 120 6.51 19.54 38.78
C PRO A 120 5.04 19.91 39.00
N GLY A 121 4.48 19.39 40.10
CA GLY A 121 3.12 19.72 40.58
C GLY A 121 2.01 18.96 39.86
N HIS A 122 2.28 18.24 38.76
CA HIS A 122 1.19 17.67 37.90
C HIS A 122 0.46 16.57 38.67
N ARG A 123 1.14 15.85 39.54
CA ARG A 123 0.52 14.75 40.32
C ARG A 123 -0.45 15.36 41.33
N GLN A 124 0.03 16.34 42.11
CA GLN A 124 -0.80 17.14 43.05
C GLN A 124 -2.02 17.71 42.30
N ALA A 125 -1.83 18.20 41.07
CA ALA A 125 -2.89 18.87 40.25
C ALA A 125 -3.96 17.87 39.78
N GLY A 126 -3.71 16.56 39.90
CA GLY A 126 -4.70 15.50 39.63
C GLY A 126 -4.19 14.37 38.74
N MET A 127 -2.98 14.45 38.18
CA MET A 127 -2.50 13.45 37.21
C MET A 127 -2.02 12.19 37.94
N GLN A 128 -2.96 11.29 38.25
CA GLN A 128 -2.70 10.03 39.00
C GLN A 128 -3.90 9.10 38.92
N GLY A 129 -3.65 7.82 38.60
CA GLY A 129 -4.64 6.73 38.62
C GLY A 129 -4.01 5.46 39.16
N VAL A 130 -4.78 4.38 39.26
CA VAL A 130 -4.23 3.09 39.76
C VAL A 130 -4.22 2.06 38.62
N LEU A 131 -3.09 1.36 38.50
CA LEU A 131 -2.96 0.06 37.81
C LEU A 131 -3.35 -1.02 38.82
N GLN A 132 -4.38 -1.83 38.52
CA GLN A 132 -4.71 -2.98 39.38
C GLN A 132 -4.31 -4.28 38.68
N VAL A 133 -3.36 -4.99 39.27
CA VAL A 133 -2.88 -6.34 38.83
C VAL A 133 -3.53 -7.39 39.74
N VAL A 134 -4.42 -8.19 39.14
CA VAL A 134 -5.28 -9.20 39.83
C VAL A 134 -4.72 -10.59 39.57
N PRO A 135 -4.75 -11.51 40.56
CA PRO A 135 -4.23 -12.85 40.33
C PRO A 135 -5.15 -13.62 39.38
N GLY A 136 -4.61 -14.65 38.75
CA GLY A 136 -5.39 -15.56 37.88
C GLY A 136 -5.55 -15.02 36.48
N ASN A 137 -5.98 -15.87 35.57
CA ASN A 137 -6.03 -15.59 34.11
C ASN A 137 -7.31 -14.85 33.80
N ARG A 138 -7.23 -13.89 32.88
CA ARG A 138 -8.37 -13.12 32.35
C ARG A 138 -9.39 -14.12 31.78
N ALA A 139 -10.66 -14.08 32.22
CA ALA A 139 -11.74 -14.90 31.61
C ALA A 139 -12.05 -14.31 30.22
N GLU A 140 -12.55 -15.13 29.29
CA GLU A 140 -13.16 -14.64 28.03
C GLU A 140 -14.53 -14.02 28.35
N MET A 141 -14.85 -12.88 27.73
CA MET A 141 -16.18 -12.24 27.90
C MET A 141 -17.19 -13.11 27.14
N PRO A 142 -18.23 -13.67 27.78
CA PRO A 142 -19.22 -14.46 27.07
C PRO A 142 -19.69 -13.73 25.81
N SER A 143 -19.64 -14.39 24.66
CA SER A 143 -20.02 -13.79 23.36
C SER A 143 -21.54 -13.62 23.31
N THR A 144 -22.01 -12.72 22.45
CA THR A 144 -23.45 -12.45 22.25
C THR A 144 -23.87 -12.88 20.85
N ALA A 145 -22.95 -12.95 19.89
CA ALA A 145 -23.20 -13.31 18.47
C ALA A 145 -22.47 -14.62 18.13
N ALA A 146 -22.83 -15.20 16.98
CA ALA A 146 -22.27 -16.45 16.44
C ALA A 146 -20.75 -16.29 16.27
N ASP A 147 -19.99 -17.34 16.58
CA ASP A 147 -18.55 -17.45 16.23
C ASP A 147 -18.47 -17.66 14.71
N ILE A 148 -17.94 -16.68 13.96
CA ILE A 148 -17.85 -16.69 12.47
C ILE A 148 -16.40 -16.99 12.02
N THR A 149 -15.50 -17.27 12.96
CA THR A 149 -14.09 -17.62 12.67
C THR A 149 -14.01 -19.07 12.15
N ARG A 150 -13.54 -19.23 10.92
CA ARG A 150 -13.07 -20.52 10.32
C ARG A 150 -11.87 -21.05 11.11
N ASP A 151 -11.97 -22.26 11.66
CA ASP A 151 -10.79 -22.92 12.27
C ASP A 151 -9.74 -23.06 11.17
N PRO A 152 -8.46 -22.75 11.41
CA PRO A 152 -7.45 -22.88 10.36
C PRO A 152 -7.14 -24.34 9.96
N ALA A 153 -7.55 -25.31 10.79
CA ALA A 153 -7.43 -26.75 10.55
C ALA A 153 -8.66 -27.27 9.80
N ASP A 154 -9.69 -26.45 9.60
CA ASP A 154 -10.93 -26.86 8.90
C ASP A 154 -10.72 -26.73 7.40
N LEU A 155 -10.02 -27.72 6.80
CA LEU A 155 -9.94 -27.90 5.33
C LEU A 155 -9.82 -29.38 5.01
N PRO A 156 -10.27 -29.82 3.81
CA PRO A 156 -9.99 -31.18 3.34
C PRO A 156 -8.47 -31.38 3.18
N GLY A 157 -7.96 -32.57 3.51
CA GLY A 157 -6.56 -32.98 3.27
C GLY A 157 -6.28 -33.27 1.79
N PRO A 158 -5.03 -33.64 1.43
CA PRO A 158 -4.70 -33.96 0.04
C PRO A 158 -5.71 -34.95 -0.55
N ILE A 159 -6.18 -34.69 -1.78
CA ILE A 159 -6.98 -35.65 -2.58
C ILE A 159 -6.07 -36.84 -2.87
N GLY A 160 -6.57 -38.07 -2.77
CA GLY A 160 -5.80 -39.23 -3.30
C GLY A 160 -5.31 -38.96 -4.71
N ALA A 161 -4.31 -39.69 -5.21
CA ALA A 161 -4.14 -39.83 -6.67
C ALA A 161 -5.40 -40.53 -7.17
N ARG A 162 -6.03 -40.01 -8.22
CA ARG A 162 -7.33 -40.48 -8.76
C ARG A 162 -7.54 -39.80 -10.11
N GLN A 163 -8.52 -40.25 -10.87
CA GLN A 163 -8.83 -39.66 -12.20
C GLN A 163 -9.58 -38.35 -11.97
N ALA A 164 -9.43 -37.40 -12.90
CA ALA A 164 -10.35 -36.25 -13.04
C ALA A 164 -11.79 -36.78 -12.94
N LYS A 165 -12.71 -35.99 -12.36
CA LYS A 165 -14.14 -36.38 -12.23
C LYS A 165 -15.00 -35.13 -12.01
N THR A 166 -16.32 -35.33 -11.97
CA THR A 166 -17.31 -34.30 -11.59
C THR A 166 -17.37 -34.22 -10.06
N VAL A 167 -17.14 -33.02 -9.51
CA VAL A 167 -17.21 -32.71 -8.06
C VAL A 167 -18.32 -31.67 -7.83
N ARG A 168 -19.33 -32.04 -7.04
CA ARG A 168 -20.44 -31.13 -6.63
C ARG A 168 -20.00 -30.36 -5.39
N ILE A 169 -20.04 -29.03 -5.47
CA ILE A 169 -19.74 -28.12 -4.32
C ILE A 169 -21.03 -27.34 -4.00
N ASP A 170 -21.41 -27.34 -2.72
CA ASP A 170 -22.59 -26.62 -2.20
C ASP A 170 -22.13 -25.47 -1.33
N LEU A 171 -22.44 -24.25 -1.76
CA LEU A 171 -22.18 -22.99 -1.02
C LEU A 171 -23.52 -22.36 -0.68
N GLU A 172 -23.62 -21.86 0.56
CA GLU A 172 -24.80 -21.11 1.07
C GLU A 172 -24.33 -19.73 1.53
N THR A 173 -24.93 -18.67 0.98
CA THR A 173 -24.61 -17.26 1.35
C THR A 173 -25.53 -16.90 2.52
N VAL A 174 -24.92 -16.60 3.67
CA VAL A 174 -25.60 -16.35 4.97
C VAL A 174 -25.14 -15.00 5.50
N GLU A 175 -26.09 -14.09 5.75
CA GLU A 175 -25.89 -12.79 6.43
C GLU A 175 -26.21 -13.03 7.90
N LEU A 176 -25.32 -12.67 8.80
CA LEU A 176 -25.50 -12.97 10.24
C LEU A 176 -24.53 -12.12 11.07
N LYS A 177 -24.95 -11.82 12.30
CA LYS A 177 -24.14 -11.09 13.29
C LYS A 177 -23.09 -12.06 13.80
N GLY A 178 -21.87 -11.57 13.91
CA GLY A 178 -20.70 -12.34 14.37
C GLY A 178 -19.95 -11.60 15.44
N GLN A 179 -19.18 -12.33 16.24
CA GLN A 179 -18.39 -11.76 17.35
C GLN A 179 -17.07 -11.24 16.76
N LEU A 180 -17.02 -9.95 16.43
CA LEU A 180 -15.84 -9.28 15.80
C LEU A 180 -14.71 -9.18 16.83
N ASP A 181 -15.05 -8.83 18.07
CA ASP A 181 -14.08 -8.74 19.19
C ASP A 181 -14.81 -9.19 20.46
N ASP A 182 -14.04 -9.41 21.51
CA ASP A 182 -14.51 -9.39 22.90
C ASP A 182 -15.38 -8.12 23.02
N LYS A 183 -16.68 -8.28 23.24
CA LYS A 183 -17.66 -7.21 23.58
C LYS A 183 -18.12 -6.42 22.35
N THR A 184 -17.70 -6.78 21.13
CA THR A 184 -18.09 -6.02 19.91
C THR A 184 -18.57 -6.99 18.81
N THR A 185 -19.66 -6.64 18.15
CA THR A 185 -20.32 -7.46 17.10
C THR A 185 -20.30 -6.66 15.79
N TYR A 186 -20.68 -7.32 14.69
CA TYR A 186 -20.72 -6.78 13.32
C TYR A 186 -21.60 -7.71 12.50
N THR A 187 -22.21 -7.21 11.43
CA THR A 187 -23.07 -8.02 10.54
C THR A 187 -22.17 -8.51 9.42
N TYR A 188 -21.79 -9.79 9.50
CA TYR A 188 -21.00 -10.50 8.47
C TYR A 188 -21.92 -11.02 7.38
N TRP A 189 -21.43 -10.98 6.15
CA TRP A 189 -21.91 -11.76 4.99
C TRP A 189 -20.86 -12.84 4.70
N THR A 190 -21.30 -14.10 4.57
CA THR A 190 -20.40 -15.28 4.52
C THR A 190 -20.85 -16.30 3.49
N PHE A 191 -19.92 -17.17 3.11
CA PHE A 191 -20.20 -18.52 2.57
C PHE A 191 -20.24 -19.46 3.78
N ASN A 192 -21.43 -20.00 4.08
CA ASN A 192 -21.63 -21.12 5.05
C ASN A 192 -21.33 -20.64 6.47
N GLY A 193 -21.58 -19.37 6.76
CA GLY A 193 -21.64 -18.83 8.14
C GLY A 193 -20.28 -18.67 8.78
N LYS A 194 -19.17 -18.67 8.00
CA LYS A 194 -17.80 -18.52 8.55
C LYS A 194 -16.90 -17.73 7.60
N VAL A 195 -15.81 -17.19 8.12
CA VAL A 195 -14.84 -16.33 7.39
C VAL A 195 -13.45 -16.84 7.70
N PRO A 196 -12.67 -17.30 6.69
CA PRO A 196 -13.13 -17.39 5.30
C PRO A 196 -14.14 -18.51 5.04
N GLY A 197 -14.72 -18.51 3.86
CA GLY A 197 -15.66 -19.56 3.38
C GLY A 197 -14.99 -20.95 3.34
N PRO A 198 -15.73 -22.01 2.98
CA PRO A 198 -15.17 -23.36 2.92
C PRO A 198 -13.91 -23.39 2.03
N PHE A 199 -12.88 -24.13 2.45
CA PHE A 199 -11.69 -24.48 1.63
C PHE A 199 -12.13 -25.52 0.59
N LEU A 200 -12.14 -25.12 -0.68
CA LEU A 200 -12.53 -25.99 -1.80
C LEU A 200 -11.25 -26.61 -2.38
N ARG A 201 -11.25 -27.93 -2.50
CA ARG A 201 -10.08 -28.73 -2.96
C ARG A 201 -10.57 -29.67 -4.07
N VAL A 202 -10.07 -29.43 -5.27
CA VAL A 202 -10.32 -30.32 -6.44
C VAL A 202 -8.96 -30.65 -7.10
N ARG A 203 -9.00 -31.50 -8.12
CA ARG A 203 -7.83 -31.91 -8.94
C ARG A 203 -7.98 -31.20 -10.29
N VAL A 204 -6.88 -30.74 -10.91
CA VAL A 204 -6.95 -30.16 -12.29
C VAL A 204 -7.65 -31.19 -13.18
N GLY A 205 -8.42 -30.71 -14.15
CA GLY A 205 -9.24 -31.57 -15.04
C GLY A 205 -10.63 -31.84 -14.48
N ASP A 206 -10.82 -31.73 -13.16
CA ASP A 206 -12.15 -31.92 -12.53
C ASP A 206 -13.18 -30.98 -13.16
N THR A 207 -14.43 -31.44 -13.23
CA THR A 207 -15.61 -30.63 -13.55
C THR A 207 -16.29 -30.28 -12.23
N VAL A 208 -16.40 -28.98 -11.92
CA VAL A 208 -17.04 -28.45 -10.67
C VAL A 208 -18.51 -28.14 -11.01
N GLU A 209 -19.42 -28.83 -10.31
CA GLU A 209 -20.88 -28.58 -10.31
C GLU A 209 -21.18 -27.76 -9.04
N LEU A 210 -21.21 -26.43 -9.19
CA LEU A 210 -21.40 -25.51 -8.06
C LEU A 210 -22.87 -25.16 -7.90
N HIS A 211 -23.40 -25.43 -6.71
CA HIS A 211 -24.74 -25.00 -6.25
C HIS A 211 -24.55 -23.84 -5.26
N LEU A 212 -25.04 -22.63 -5.60
CA LEU A 212 -25.07 -21.48 -4.65
C LEU A 212 -26.51 -21.24 -4.19
N LYS A 213 -26.78 -21.56 -2.91
CA LYS A 213 -28.06 -21.32 -2.19
C LYS A 213 -27.91 -20.03 -1.38
N ASN A 214 -28.68 -18.98 -1.69
CA ASN A 214 -28.76 -17.71 -0.89
C ASN A 214 -29.85 -17.89 0.16
N ALA A 215 -29.49 -17.85 1.45
CA ALA A 215 -30.44 -18.05 2.57
C ALA A 215 -31.66 -17.13 2.39
N LYS A 216 -32.83 -17.60 2.84
CA LYS A 216 -34.16 -16.94 2.77
C LYS A 216 -34.10 -15.58 3.50
N ASP A 217 -33.32 -15.49 4.56
CA ASP A 217 -33.27 -14.30 5.47
C ASP A 217 -32.21 -13.30 4.98
N SER A 218 -31.60 -13.49 3.82
CA SER A 218 -30.61 -12.52 3.29
C SER A 218 -31.36 -11.30 2.76
N LEU A 219 -30.84 -10.09 2.98
CA LEU A 219 -31.36 -8.87 2.34
C LEU A 219 -30.78 -8.76 0.94
N MET A 220 -29.53 -9.18 0.75
CA MET A 220 -28.80 -8.90 -0.52
C MET A 220 -28.79 -10.13 -1.43
N ILE A 221 -28.79 -9.87 -2.74
CA ILE A 221 -28.32 -10.81 -3.78
C ILE A 221 -26.86 -11.21 -3.43
N HIS A 222 -26.50 -12.48 -3.60
CA HIS A 222 -25.08 -12.95 -3.49
C HIS A 222 -24.68 -13.76 -4.73
N SER A 223 -23.38 -13.94 -4.90
CA SER A 223 -22.77 -14.57 -6.08
C SER A 223 -21.42 -15.17 -5.71
N VAL A 224 -20.69 -15.72 -6.68
CA VAL A 224 -19.29 -16.16 -6.46
C VAL A 224 -18.50 -16.05 -7.77
N ASP A 225 -17.30 -15.48 -7.66
CA ASP A 225 -16.24 -15.43 -8.68
C ASP A 225 -15.10 -16.28 -8.09
N PHE A 226 -14.73 -17.38 -8.77
CA PHE A 226 -13.53 -18.22 -8.49
C PHE A 226 -12.39 -17.80 -9.43
N HIS A 227 -11.24 -17.43 -8.86
CA HIS A 227 -10.06 -17.01 -9.66
C HIS A 227 -9.53 -18.21 -10.45
N GLY A 228 -9.98 -19.43 -10.11
CA GLY A 228 -9.59 -20.71 -10.75
C GLY A 228 -10.57 -21.18 -11.81
N ALA A 229 -11.58 -20.37 -12.17
CA ALA A 229 -12.56 -20.66 -13.24
C ALA A 229 -12.31 -19.73 -14.43
N THR A 230 -12.58 -20.24 -15.63
CA THR A 230 -12.40 -19.54 -16.93
C THR A 230 -13.78 -19.28 -17.53
N GLY A 231 -14.14 -18.01 -17.75
CA GLY A 231 -15.44 -17.61 -18.32
C GLY A 231 -16.08 -16.46 -17.54
N PRO A 232 -17.20 -15.88 -18.03
CA PRO A 232 -17.77 -14.65 -17.47
C PRO A 232 -17.77 -14.56 -15.92
N GLY A 233 -17.09 -13.54 -15.40
CA GLY A 233 -17.08 -13.16 -13.98
C GLY A 233 -16.47 -14.24 -13.08
N GLY A 234 -15.74 -15.20 -13.65
CA GLY A 234 -15.21 -16.37 -12.93
C GLY A 234 -16.32 -17.17 -12.27
N ALA A 235 -17.52 -17.20 -12.91
CA ALA A 235 -18.76 -17.90 -12.49
C ALA A 235 -19.79 -16.88 -11.97
N ALA A 236 -19.37 -15.65 -11.65
CA ALA A 236 -20.23 -14.56 -11.09
C ALA A 236 -21.45 -14.31 -12.01
N ALA A 237 -21.26 -14.32 -13.32
CA ALA A 237 -22.31 -13.99 -14.30
C ALA A 237 -23.39 -15.08 -14.32
N TYR A 238 -23.18 -16.23 -13.65
CA TYR A 238 -24.14 -17.37 -13.61
C TYR A 238 -24.70 -17.55 -12.21
N THR A 239 -24.16 -16.87 -11.18
CA THR A 239 -24.45 -17.17 -9.74
C THR A 239 -25.05 -15.96 -9.00
N GLN A 240 -25.53 -14.92 -9.68
CA GLN A 240 -26.27 -13.80 -9.03
C GLN A 240 -27.59 -14.39 -8.51
N THR A 241 -27.66 -14.67 -7.20
CA THR A 241 -28.74 -15.50 -6.58
C THR A 241 -29.60 -14.63 -5.64
N ASP A 242 -30.89 -14.52 -5.93
CA ASP A 242 -31.88 -13.81 -5.07
C ASP A 242 -31.93 -14.55 -3.74
N PRO A 243 -32.31 -13.88 -2.64
CA PRO A 243 -32.58 -14.56 -1.37
C PRO A 243 -33.62 -15.69 -1.49
N GLY A 244 -33.37 -16.81 -0.79
CA GLY A 244 -34.23 -18.01 -0.83
C GLY A 244 -34.12 -18.76 -2.15
N ALA A 245 -33.28 -18.31 -3.10
CA ALA A 245 -33.14 -18.91 -4.45
C ALA A 245 -31.84 -19.72 -4.52
N GLU A 246 -31.64 -20.42 -5.64
CA GLU A 246 -30.43 -21.23 -5.91
C GLU A 246 -30.01 -21.04 -7.37
N THR A 247 -28.71 -20.85 -7.60
CA THR A 247 -28.09 -20.91 -8.95
C THR A 247 -27.18 -22.13 -8.96
N VAL A 248 -27.03 -22.73 -10.15
CA VAL A 248 -26.11 -23.87 -10.39
C VAL A 248 -25.24 -23.49 -11.58
N VAL A 249 -23.92 -23.51 -11.42
CA VAL A 249 -22.96 -23.35 -12.55
C VAL A 249 -22.03 -24.57 -12.58
N THR A 250 -21.68 -25.05 -13.77
CA THR A 250 -20.63 -26.08 -13.97
C THR A 250 -19.47 -25.41 -14.67
N PHE A 251 -18.24 -25.69 -14.23
CA PHE A 251 -17.01 -25.15 -14.85
C PHE A 251 -15.87 -26.15 -14.66
N LYS A 252 -14.93 -26.18 -15.62
CA LYS A 252 -13.75 -27.08 -15.59
C LYS A 252 -12.60 -26.35 -14.89
N ALA A 253 -11.99 -27.01 -13.91
CA ALA A 253 -10.75 -26.57 -13.26
C ALA A 253 -9.58 -26.83 -14.20
N LEU A 254 -9.31 -25.90 -15.13
CA LEU A 254 -8.34 -26.07 -16.23
C LEU A 254 -6.91 -25.85 -15.75
N VAL A 255 -6.70 -25.15 -14.65
CA VAL A 255 -5.34 -24.69 -14.26
C VAL A 255 -5.12 -24.98 -12.79
N PRO A 256 -4.00 -25.63 -12.42
CA PRO A 256 -3.65 -25.83 -11.03
C PRO A 256 -3.18 -24.50 -10.44
N GLY A 257 -3.40 -24.32 -9.14
CA GLY A 257 -3.18 -23.06 -8.42
C GLY A 257 -3.95 -23.00 -7.11
N ILE A 258 -3.59 -22.03 -6.28
CA ILE A 258 -4.29 -21.69 -5.02
C ILE A 258 -5.02 -20.36 -5.26
N PHE A 259 -6.34 -20.44 -5.39
CA PHE A 259 -7.18 -19.35 -5.94
C PHE A 259 -8.05 -18.76 -4.85
N VAL A 260 -8.11 -17.43 -4.73
CA VAL A 260 -9.15 -16.83 -3.86
C VAL A 260 -10.43 -16.86 -4.68
N TYR A 261 -11.54 -17.22 -4.03
CA TYR A 261 -12.91 -16.99 -4.53
C TYR A 261 -13.56 -15.95 -3.59
N HIS A 262 -14.52 -15.19 -4.11
CA HIS A 262 -15.23 -14.10 -3.39
C HIS A 262 -16.60 -13.87 -4.03
N CYS A 263 -17.53 -13.30 -3.28
CA CYS A 263 -18.79 -12.76 -3.82
C CYS A 263 -18.46 -11.69 -4.88
N ALA A 264 -19.28 -11.56 -5.92
CA ALA A 264 -19.11 -10.58 -7.00
C ALA A 264 -20.47 -9.96 -7.32
N THR A 265 -21.25 -9.67 -6.28
CA THR A 265 -22.48 -8.82 -6.32
C THR A 265 -22.12 -7.41 -5.87
N PRO A 266 -22.46 -6.34 -6.63
CA PRO A 266 -22.11 -4.97 -6.23
C PRO A 266 -22.77 -4.58 -4.90
N SER A 267 -22.12 -3.79 -4.03
CA SER A 267 -20.71 -3.40 -4.08
C SER A 267 -19.85 -4.61 -3.73
N VAL A 268 -18.97 -4.99 -4.64
CA VAL A 268 -18.10 -6.18 -4.45
C VAL A 268 -17.21 -5.90 -3.25
N PRO A 269 -16.56 -4.70 -3.15
CA PRO A 269 -15.75 -4.38 -1.97
C PRO A 269 -16.52 -4.57 -0.65
N ASN A 270 -17.82 -4.23 -0.65
CA ASN A 270 -18.72 -4.35 0.53
C ASN A 270 -18.91 -5.84 0.88
N HIS A 271 -19.31 -6.65 -0.11
CA HIS A 271 -19.50 -8.11 0.04
C HIS A 271 -18.19 -8.75 0.53
N ILE A 272 -17.05 -8.26 0.07
CA ILE A 272 -15.72 -8.82 0.46
C ILE A 272 -15.41 -8.44 1.91
N THR A 273 -15.40 -7.14 2.27
CA THR A 273 -15.07 -6.69 3.65
C THR A 273 -15.98 -7.41 4.66
N ASN A 274 -17.24 -7.67 4.30
CA ASN A 274 -18.25 -8.28 5.21
C ASN A 274 -17.96 -9.76 5.44
N GLY A 275 -17.17 -10.40 4.54
CA GLY A 275 -16.51 -11.69 4.82
C GLY A 275 -16.66 -12.75 3.74
N MET A 276 -17.11 -12.36 2.54
CA MET A 276 -17.44 -13.32 1.45
C MET A 276 -16.18 -13.55 0.60
N TYR A 277 -15.21 -14.27 1.17
CA TYR A 277 -13.98 -14.73 0.48
C TYR A 277 -13.53 -16.08 1.03
N GLY A 278 -12.81 -16.84 0.19
CA GLY A 278 -12.26 -18.17 0.53
C GLY A 278 -11.20 -18.62 -0.46
N LEU A 279 -10.67 -19.82 -0.28
CA LEU A 279 -9.62 -20.39 -1.16
C LEU A 279 -10.15 -21.66 -1.86
N LEU A 280 -9.86 -21.76 -3.17
CA LEU A 280 -9.98 -22.97 -4.03
C LEU A 280 -8.57 -23.43 -4.38
N LEU A 281 -8.16 -24.61 -3.89
CA LEU A 281 -6.96 -25.35 -4.35
C LEU A 281 -7.38 -26.25 -5.52
N VAL A 282 -6.87 -25.96 -6.73
CA VAL A 282 -6.88 -26.92 -7.86
C VAL A 282 -5.54 -27.64 -7.83
N GLU A 283 -5.51 -28.85 -7.29
CA GLU A 283 -4.28 -29.67 -7.15
C GLU A 283 -3.71 -30.01 -8.52
N PRO A 284 -2.38 -29.95 -8.71
CA PRO A 284 -1.78 -30.45 -9.94
C PRO A 284 -1.90 -31.99 -9.93
N GLU A 285 -1.71 -32.66 -11.08
CA GLU A 285 -1.88 -34.14 -11.22
C GLU A 285 -1.07 -34.86 -10.13
N GLY A 286 0.17 -34.44 -9.89
CA GLY A 286 1.04 -35.04 -8.85
C GLY A 286 0.50 -34.97 -7.42
N GLY A 287 -0.42 -34.04 -7.13
CA GLY A 287 -0.66 -33.51 -5.78
C GLY A 287 0.40 -32.48 -5.43
N LEU A 288 0.31 -31.84 -4.27
CA LEU A 288 1.36 -30.92 -3.78
C LEU A 288 2.39 -31.76 -3.04
N PRO A 289 3.63 -31.26 -2.87
CA PRO A 289 4.61 -31.96 -2.05
C PRO A 289 4.00 -32.48 -0.74
N GLN A 290 4.41 -33.69 -0.36
CA GLN A 290 3.96 -34.34 0.88
C GLN A 290 4.37 -33.44 2.04
N VAL A 291 3.47 -33.25 2.98
CA VAL A 291 3.73 -32.42 4.18
C VAL A 291 2.92 -33.01 5.34
N ASP A 292 3.38 -32.81 6.58
CA ASP A 292 2.72 -33.41 7.76
C ASP A 292 1.39 -32.71 8.04
N ARG A 293 1.34 -31.38 8.02
CA ARG A 293 0.15 -30.62 8.52
C ARG A 293 -0.12 -29.40 7.64
N GLU A 294 -1.41 -29.20 7.34
CA GLU A 294 -1.92 -28.11 6.50
C GLU A 294 -2.83 -27.17 7.30
N PHE A 295 -2.81 -25.88 6.92
CA PHE A 295 -3.60 -24.81 7.56
C PHE A 295 -4.17 -23.88 6.49
N TYR A 296 -5.34 -23.33 6.83
CA TYR A 296 -6.17 -22.40 6.02
C TYR A 296 -6.24 -21.04 6.74
N VAL A 297 -5.61 -20.01 6.17
CA VAL A 297 -5.57 -18.63 6.75
C VAL A 297 -5.85 -17.60 5.65
N MET A 298 -6.77 -16.67 5.93
CA MET A 298 -7.09 -15.54 5.01
C MET A 298 -7.14 -14.24 5.80
N GLN A 299 -6.57 -13.18 5.23
CA GLN A 299 -6.51 -11.81 5.82
C GLN A 299 -7.55 -10.94 5.12
N GLY A 300 -8.24 -10.12 5.90
CA GLY A 300 -9.16 -9.10 5.37
C GLY A 300 -9.28 -7.92 6.31
N GLU A 301 -9.99 -6.90 5.86
CA GLU A 301 -10.19 -5.63 6.59
C GLU A 301 -11.69 -5.43 6.82
N ILE A 302 -12.03 -4.77 7.93
CA ILE A 302 -13.41 -4.31 8.23
C ILE A 302 -13.33 -2.79 8.51
N TYR A 303 -14.29 -2.07 7.94
CA TYR A 303 -14.35 -0.58 7.91
C TYR A 303 -15.54 -0.13 8.79
N THR A 304 -15.26 0.17 10.06
CA THR A 304 -16.33 0.49 11.04
C THR A 304 -16.38 2.01 11.27
N VAL A 305 -17.59 2.50 11.56
CA VAL A 305 -17.88 3.90 11.98
C VAL A 305 -16.98 4.24 13.17
N LYS A 306 -16.96 3.40 14.20
CA LYS A 306 -16.21 3.63 15.47
C LYS A 306 -14.84 2.98 15.40
N PRO A 307 -13.85 3.53 16.13
CA PRO A 307 -12.50 3.01 16.13
C PRO A 307 -12.42 1.56 16.62
N PHE A 308 -11.34 0.88 16.21
CA PHE A 308 -10.94 -0.42 16.80
C PHE A 308 -11.00 -0.33 18.33
N GLY A 309 -11.58 -1.33 19.01
CA GLY A 309 -11.62 -1.39 20.48
C GLY A 309 -12.97 -0.96 21.04
N THR A 310 -13.82 -0.33 20.22
CA THR A 310 -15.15 0.15 20.63
C THR A 310 -16.07 -1.06 20.84
N SER A 311 -16.74 -1.12 22.00
CA SER A 311 -17.70 -2.18 22.38
C SER A 311 -19.03 -1.95 21.67
N GLY A 312 -19.87 -2.98 21.60
CA GLY A 312 -21.23 -2.92 21.04
C GLY A 312 -21.28 -3.35 19.59
N GLU A 313 -22.42 -3.12 18.95
CA GLU A 313 -22.63 -3.41 17.51
C GLU A 313 -21.87 -2.37 16.68
N GLN A 314 -20.74 -2.74 16.08
CA GLN A 314 -20.06 -1.91 15.06
C GLN A 314 -20.87 -1.95 13.76
N GLU A 315 -20.84 -0.87 13.00
CA GLU A 315 -21.56 -0.70 11.71
C GLU A 315 -20.55 -0.25 10.65
N MET A 316 -20.90 -0.47 9.40
CA MET A 316 -19.98 -0.26 8.24
C MET A 316 -19.95 1.23 7.93
N ASP A 317 -18.76 1.75 7.62
CA ASP A 317 -18.53 3.17 7.29
C ASP A 317 -18.17 3.25 5.81
N TYR A 318 -19.14 3.61 4.95
CA TYR A 318 -18.93 3.64 3.49
C TYR A 318 -17.75 4.56 3.15
N GLU A 319 -17.63 5.73 3.77
CA GLU A 319 -16.56 6.69 3.36
C GLU A 319 -15.20 6.06 3.65
N LYS A 320 -15.08 5.27 4.71
CA LYS A 320 -13.80 4.61 5.09
C LYS A 320 -13.49 3.47 4.09
N LEU A 321 -14.52 2.70 3.71
CA LEU A 321 -14.38 1.59 2.73
C LEU A 321 -13.84 2.13 1.40
N ILE A 322 -14.49 3.12 0.78
CA ILE A 322 -14.10 3.61 -0.58
C ILE A 322 -12.77 4.39 -0.51
N SER A 323 -12.35 4.84 0.67
CA SER A 323 -11.07 5.59 0.85
C SER A 323 -9.98 4.69 1.43
N GLU A 324 -10.28 3.41 1.70
CA GLU A 324 -9.28 2.40 2.13
C GLU A 324 -8.68 2.80 3.49
N LYS A 325 -9.54 3.09 4.47
CA LYS A 325 -9.14 3.46 5.85
C LYS A 325 -9.86 2.55 6.83
N PRO A 326 -9.47 1.28 6.92
CA PRO A 326 -10.19 0.34 7.78
C PRO A 326 -9.83 0.52 9.26
N GLU A 327 -10.61 -0.11 10.14
CA GLU A 327 -10.39 -0.09 11.60
C GLU A 327 -9.89 -1.45 12.06
N TYR A 328 -10.34 -2.52 11.39
CA TYR A 328 -10.00 -3.92 11.72
C TYR A 328 -9.22 -4.56 10.58
N PHE A 329 -8.07 -5.15 10.91
CA PHE A 329 -7.28 -6.07 10.06
C PHE A 329 -7.36 -7.46 10.70
N LEU A 330 -7.97 -8.44 10.03
CA LEU A 330 -8.30 -9.75 10.67
C LEU A 330 -7.77 -10.96 9.89
N PHE A 331 -7.29 -11.97 10.63
CA PHE A 331 -7.14 -13.37 10.17
C PHE A 331 -8.42 -14.12 10.52
N ASN A 332 -9.05 -14.74 9.52
CA ASN A 332 -10.20 -15.66 9.68
C ASN A 332 -11.27 -14.96 10.53
N GLY A 333 -11.57 -13.71 10.21
CA GLY A 333 -12.88 -13.10 10.49
C GLY A 333 -13.00 -12.28 11.79
N SER A 334 -12.13 -12.46 12.78
CA SER A 334 -12.36 -11.88 14.13
C SER A 334 -11.04 -11.53 14.81
N VAL A 335 -11.11 -10.59 15.75
CA VAL A 335 -10.01 -10.32 16.71
C VAL A 335 -9.93 -11.56 17.63
N GLY A 336 -8.74 -12.12 17.78
CA GLY A 336 -8.50 -13.33 18.58
C GLY A 336 -8.79 -14.62 17.83
N ALA A 337 -9.20 -14.53 16.55
CA ALA A 337 -9.51 -15.69 15.68
C ALA A 337 -8.43 -16.77 15.87
N LEU A 338 -7.16 -16.41 15.67
CA LEU A 338 -6.03 -17.38 15.57
C LEU A 338 -5.15 -17.29 16.82
N THR A 339 -5.63 -16.62 17.88
CA THR A 339 -4.93 -16.54 19.19
C THR A 339 -5.78 -17.18 20.30
N ARG A 340 -7.05 -16.77 20.45
CA ARG A 340 -7.92 -17.22 21.56
C ARG A 340 -8.86 -18.33 21.05
N THR A 341 -9.64 -18.08 20.00
CA THR A 341 -10.81 -18.94 19.67
C THR A 341 -10.36 -20.15 18.84
N HIS A 342 -9.47 -20.00 17.86
CA HIS A 342 -9.07 -21.09 16.95
C HIS A 342 -7.59 -20.98 16.57
N PRO A 343 -6.65 -21.11 17.53
CA PRO A 343 -5.24 -21.04 17.20
C PRO A 343 -4.79 -22.30 16.42
N LEU A 344 -3.59 -22.24 15.85
CA LEU A 344 -2.93 -23.33 15.10
C LEU A 344 -2.13 -24.16 16.11
N TYR A 345 -2.23 -25.50 16.01
CA TYR A 345 -1.48 -26.49 16.83
C TYR A 345 -0.67 -27.40 15.90
N ALA A 346 0.59 -27.61 16.21
CA ALA A 346 1.48 -28.51 15.46
C ALA A 346 2.55 -29.09 16.39
N ASN A 347 3.31 -30.08 15.89
CA ASN A 347 4.32 -30.84 16.67
C ASN A 347 5.72 -30.62 16.08
N VAL A 348 6.73 -30.52 16.95
CA VAL A 348 8.16 -30.44 16.54
C VAL A 348 8.42 -31.57 15.53
N GLY A 349 9.21 -31.29 14.49
CA GLY A 349 9.61 -32.30 13.48
C GLY A 349 8.69 -32.28 12.27
N GLU A 350 7.48 -31.75 12.43
CA GLU A 350 6.49 -31.71 11.33
C GLU A 350 6.86 -30.63 10.31
N THR A 351 6.71 -30.95 9.03
CA THR A 351 6.64 -29.96 7.94
C THR A 351 5.20 -29.45 7.90
N VAL A 352 5.04 -28.12 7.90
CA VAL A 352 3.71 -27.44 7.93
C VAL A 352 3.52 -26.70 6.61
N ARG A 353 2.34 -26.80 6.02
CA ARG A 353 1.95 -25.94 4.89
C ARG A 353 0.82 -24.99 5.34
N ILE A 354 0.98 -23.69 5.07
CA ILE A 354 -0.13 -22.69 5.21
C ILE A 354 -0.58 -22.24 3.82
N PHE A 355 -1.83 -22.56 3.47
CA PHE A 355 -2.57 -21.87 2.38
C PHE A 355 -3.03 -20.50 2.91
N PHE A 356 -2.41 -19.43 2.40
CA PHE A 356 -2.63 -18.03 2.85
C PHE A 356 -3.15 -17.20 1.68
N GLY A 357 -4.31 -16.59 1.85
CA GLY A 357 -4.88 -15.69 0.84
C GLY A 357 -5.39 -14.41 1.46
N VAL A 358 -5.45 -13.36 0.65
CA VAL A 358 -5.97 -12.03 1.08
C VAL A 358 -7.30 -11.82 0.35
N GLY A 359 -8.42 -11.94 1.08
CA GLY A 359 -9.75 -11.46 0.64
C GLY A 359 -9.71 -9.96 0.44
N GLY A 360 -9.09 -9.24 1.37
CA GLY A 360 -8.92 -7.78 1.33
C GLY A 360 -10.09 -7.05 1.97
N PRO A 361 -10.83 -6.18 1.23
CA PRO A 361 -10.67 -6.01 -0.21
C PRO A 361 -9.50 -5.18 -0.76
N ASN A 362 -8.69 -4.53 0.08
CA ASN A 362 -7.84 -3.41 -0.41
C ASN A 362 -6.35 -3.59 -0.13
N PHE A 363 -5.94 -4.22 0.97
CA PHE A 363 -4.55 -4.18 1.49
C PHE A 363 -3.75 -5.46 1.16
N THR A 364 -2.51 -5.24 0.70
CA THR A 364 -1.47 -6.26 0.43
C THR A 364 -0.80 -6.63 1.74
N SER A 365 -0.77 -7.93 2.06
CA SER A 365 -0.19 -8.46 3.33
C SER A 365 1.29 -8.73 3.10
N SER A 366 2.12 -8.34 4.05
CA SER A 366 3.54 -8.73 4.14
C SER A 366 3.63 -9.95 5.07
N PHE A 367 3.17 -11.12 4.58
CA PHE A 367 2.91 -12.30 5.44
C PHE A 367 4.24 -12.87 5.92
N HIS A 368 4.31 -13.15 7.22
CA HIS A 368 5.55 -13.52 7.93
C HIS A 368 5.18 -14.31 9.18
N VAL A 369 6.00 -15.28 9.55
CA VAL A 369 5.78 -16.07 10.80
C VAL A 369 6.99 -15.79 11.67
N ILE A 370 6.77 -15.10 12.78
CA ILE A 370 7.87 -14.71 13.71
C ILE A 370 8.44 -16.01 14.29
N GLY A 371 9.76 -16.20 14.20
CA GLY A 371 10.46 -17.38 14.71
C GLY A 371 10.70 -18.46 13.66
N GLU A 372 10.17 -18.28 12.43
CA GLU A 372 10.32 -19.25 11.31
C GLU A 372 10.76 -18.53 10.04
N ILE A 373 11.27 -19.32 9.09
CA ILE A 373 11.66 -18.92 7.71
C ILE A 373 10.93 -19.87 6.77
N PHE A 374 10.44 -19.36 5.65
CA PHE A 374 9.68 -20.17 4.69
C PHE A 374 10.68 -21.02 3.90
N ASP A 375 10.62 -22.34 4.02
CA ASP A 375 11.45 -23.25 3.20
C ASP A 375 11.08 -23.01 1.74
N HIS A 376 9.77 -23.01 1.44
CA HIS A 376 9.19 -22.79 0.09
C HIS A 376 8.13 -21.69 0.14
N VAL A 377 8.11 -20.82 -0.86
CA VAL A 377 7.03 -19.82 -1.11
C VAL A 377 6.59 -19.96 -2.57
N TYR A 378 5.32 -20.28 -2.81
CA TYR A 378 4.77 -20.49 -4.18
C TYR A 378 4.45 -19.10 -4.72
N ALA A 379 5.38 -18.57 -5.52
CA ALA A 379 5.38 -17.18 -6.03
C ALA A 379 4.10 -16.88 -6.79
N LEU A 380 3.36 -15.84 -6.39
CA LEU A 380 2.09 -15.34 -7.00
C LEU A 380 1.05 -16.46 -6.96
N GLY A 381 1.22 -17.43 -6.05
CA GLY A 381 0.32 -18.60 -5.92
C GLY A 381 0.43 -19.59 -7.09
N SER A 382 1.54 -19.55 -7.83
CA SER A 382 1.84 -20.51 -8.91
C SER A 382 2.22 -21.85 -8.27
N VAL A 383 1.46 -22.87 -8.64
CA VAL A 383 1.63 -24.26 -8.15
C VAL A 383 2.41 -25.02 -9.24
N THR A 384 2.63 -24.41 -10.40
CA THR A 384 3.32 -25.06 -11.56
C THR A 384 4.74 -24.55 -11.70
N SER A 385 5.04 -23.30 -11.35
CA SER A 385 6.43 -22.76 -11.33
C SER A 385 7.13 -23.19 -10.05
N PRO A 386 8.46 -23.39 -10.09
CA PRO A 386 9.19 -23.84 -8.92
C PRO A 386 9.04 -22.78 -7.83
N PRO A 387 8.78 -23.19 -6.58
CA PRO A 387 8.75 -22.27 -5.46
C PRO A 387 10.12 -21.63 -5.17
N LEU A 388 10.10 -20.42 -4.61
CA LEU A 388 11.27 -19.69 -4.09
C LEU A 388 11.63 -20.30 -2.74
N THR A 389 12.88 -20.15 -2.30
CA THR A 389 13.42 -20.90 -1.16
C THR A 389 14.09 -19.95 -0.17
N GLY A 390 13.94 -20.22 1.13
CA GLY A 390 14.59 -19.44 2.19
C GLY A 390 14.14 -17.98 2.15
N VAL A 391 12.82 -17.77 2.36
CA VAL A 391 12.12 -16.46 2.26
C VAL A 391 11.55 -16.07 3.64
N GLN A 392 11.89 -14.88 4.17
CA GLN A 392 11.41 -14.37 5.48
C GLN A 392 9.95 -13.91 5.40
N THR A 393 9.58 -13.19 4.32
CA THR A 393 8.31 -12.43 4.23
C THR A 393 7.87 -12.32 2.76
N VAL A 394 6.59 -12.57 2.49
CA VAL A 394 6.04 -12.54 1.10
C VAL A 394 4.83 -11.60 1.00
N SER A 395 4.89 -10.64 0.07
CA SER A 395 3.76 -9.78 -0.36
C SER A 395 2.68 -10.65 -1.01
N VAL A 396 1.47 -10.62 -0.49
CA VAL A 396 0.27 -11.27 -1.09
C VAL A 396 -0.75 -10.17 -1.34
N PRO A 397 -1.14 -9.92 -2.61
CA PRO A 397 -2.11 -8.88 -2.91
C PRO A 397 -3.51 -9.31 -2.54
N PRO A 398 -4.45 -8.35 -2.41
CA PRO A 398 -5.87 -8.70 -2.33
C PRO A 398 -6.27 -9.41 -3.63
N GLY A 399 -7.14 -10.41 -3.56
CA GLY A 399 -7.49 -11.31 -4.68
C GLY A 399 -6.31 -12.16 -5.10
N GLY A 400 -5.29 -12.25 -4.23
CA GLY A 400 -4.13 -13.13 -4.36
C GLY A 400 -4.06 -14.14 -3.24
N ALA A 401 -3.34 -15.24 -3.48
CA ALA A 401 -3.02 -16.27 -2.47
C ALA A 401 -1.63 -16.82 -2.78
N THR A 402 -1.06 -17.50 -1.79
CA THR A 402 0.24 -18.20 -1.88
C THR A 402 0.16 -19.46 -1.03
N ILE A 403 1.22 -20.25 -1.10
CA ILE A 403 1.49 -21.42 -0.23
C ILE A 403 2.88 -21.19 0.34
N VAL A 404 3.01 -21.34 1.66
CA VAL A 404 4.33 -21.41 2.33
C VAL A 404 4.41 -22.75 3.05
N ASP A 405 5.59 -23.36 3.10
CA ASP A 405 5.85 -24.51 4.00
C ASP A 405 7.17 -24.28 4.70
N PHE A 406 7.33 -24.94 5.85
CA PHE A 406 8.58 -24.92 6.64
C PHE A 406 8.56 -26.14 7.56
N LYS A 407 9.72 -26.55 8.05
CA LYS A 407 9.84 -27.65 9.04
C LYS A 407 9.91 -27.01 10.43
N LEU A 408 9.09 -27.49 11.34
CA LEU A 408 9.17 -27.14 12.77
C LEU A 408 10.34 -27.91 13.36
N ASP A 409 11.53 -27.31 13.30
CA ASP A 409 12.76 -27.94 13.83
C ASP A 409 12.64 -27.99 15.35
N ARG A 410 11.93 -27.02 15.97
CA ARG A 410 11.89 -26.92 17.45
C ARG A 410 10.59 -26.24 17.92
N GLY A 411 10.36 -26.24 19.24
CA GLY A 411 9.12 -25.81 19.89
C GLY A 411 9.03 -24.31 20.01
N GLY A 412 7.85 -23.82 20.37
CA GLY A 412 7.56 -22.39 20.64
C GLY A 412 6.14 -21.99 20.24
N ARG A 413 5.75 -20.77 20.59
CA ARG A 413 4.59 -20.07 19.98
C ARG A 413 5.11 -19.27 18.78
N TYR A 414 4.76 -19.70 17.57
CA TYR A 414 5.13 -19.01 16.31
C TYR A 414 3.97 -18.05 15.97
N VAL A 415 4.29 -16.83 15.55
CA VAL A 415 3.27 -15.76 15.43
C VAL A 415 3.13 -15.34 13.97
N LEU A 416 1.93 -15.55 13.41
CA LEU A 416 1.52 -15.08 12.06
C LEU A 416 1.22 -13.57 12.11
N VAL A 417 1.81 -12.78 11.23
CA VAL A 417 1.62 -11.30 11.15
C VAL A 417 1.59 -10.85 9.69
N ASP A 418 0.94 -9.71 9.45
CA ASP A 418 1.22 -8.81 8.30
C ASP A 418 2.33 -7.90 8.82
N HIS A 419 3.51 -7.88 8.20
CA HIS A 419 4.69 -7.19 8.76
C HIS A 419 4.59 -5.67 8.56
N ALA A 420 3.47 -5.20 8.01
CA ALA A 420 3.03 -3.78 8.18
C ALA A 420 2.45 -3.69 9.60
N LEU A 421 3.32 -3.55 10.61
CA LEU A 421 3.08 -4.09 11.97
C LEU A 421 2.15 -3.19 12.79
N SER A 422 1.84 -1.98 12.32
CA SER A 422 0.75 -1.15 12.91
C SER A 422 -0.54 -1.98 12.92
N ARG A 423 -0.65 -2.98 12.04
CA ARG A 423 -1.90 -3.77 11.92
C ARG A 423 -2.02 -4.74 13.09
N LEU A 424 -0.96 -4.95 13.88
CA LEU A 424 -1.06 -5.59 15.22
C LEU A 424 -2.12 -4.86 16.05
N ASP A 425 -2.03 -3.53 16.05
CA ASP A 425 -2.89 -2.65 16.89
C ASP A 425 -4.30 -2.55 16.28
N HIS A 426 -4.65 -3.31 15.24
CA HIS A 426 -6.01 -3.38 14.63
C HIS A 426 -6.56 -4.82 14.58
N GLY A 427 -5.98 -5.76 15.33
CA GLY A 427 -6.49 -7.13 15.51
C GLY A 427 -5.75 -8.21 14.71
N LEU A 428 -4.69 -7.87 13.97
CA LEU A 428 -4.05 -8.79 12.99
C LEU A 428 -2.86 -9.50 13.60
N VAL A 429 -3.13 -10.66 14.20
CA VAL A 429 -2.08 -11.53 14.81
C VAL A 429 -2.69 -12.93 15.00
N GLY A 430 -1.89 -13.97 14.76
CA GLY A 430 -2.25 -15.38 14.96
C GLY A 430 -1.14 -16.15 15.65
N PHE A 431 -1.50 -17.24 16.31
CA PHE A 431 -0.55 -18.14 17.01
C PHE A 431 -0.53 -19.52 16.37
N LEU A 432 0.69 -20.02 16.14
CA LEU A 432 1.00 -21.44 15.85
C LEU A 432 1.71 -22.00 17.08
N ASN A 433 1.00 -22.81 17.86
CA ASN A 433 1.46 -23.34 19.16
C ASN A 433 2.11 -24.71 18.90
N VAL A 434 3.35 -24.87 19.36
CA VAL A 434 4.21 -26.06 19.13
C VAL A 434 4.94 -26.40 20.44
N ASP A 435 4.50 -27.44 21.16
CA ASP A 435 5.15 -27.92 22.43
C ASP A 435 6.59 -28.38 22.18
N GLY A 436 7.50 -28.03 23.08
CA GLY A 436 8.91 -28.46 23.10
C GLY A 436 9.69 -27.68 24.13
N PRO A 437 10.96 -28.05 24.44
CA PRO A 437 11.70 -27.34 25.49
C PRO A 437 11.92 -25.86 25.13
N LYS A 438 12.13 -25.01 26.13
CA LYS A 438 12.59 -23.61 25.97
C LYS A 438 13.95 -23.59 25.26
N ASN A 439 14.91 -24.37 25.74
CA ASN A 439 16.33 -24.35 25.30
C ASN A 439 16.69 -25.69 24.63
N ASP A 440 17.11 -25.62 23.36
CA ASP A 440 17.75 -26.73 22.61
C ASP A 440 18.95 -26.15 21.84
N ALA A 441 19.59 -26.93 20.98
CA ALA A 441 20.82 -26.56 20.24
C ALA A 441 20.51 -25.50 19.16
N ILE A 442 19.25 -25.38 18.73
CA ILE A 442 18.79 -24.46 17.63
C ILE A 442 18.59 -23.03 18.18
N MET A 443 18.06 -22.89 19.39
CA MET A 443 17.96 -21.58 20.10
C MET A 443 17.91 -21.81 21.61
N HIS A 444 18.76 -21.13 22.38
CA HIS A 444 18.78 -21.24 23.87
C HIS A 444 19.34 -19.97 24.51
N GLU A 445 19.07 -19.80 25.81
CA GLU A 445 19.57 -18.64 26.57
C GLU A 445 21.03 -18.92 26.93
N GLY A 446 21.83 -17.87 27.12
CA GLY A 446 23.26 -17.98 27.47
C GLY A 446 24.11 -18.47 26.29
N PRO A 447 25.45 -18.51 26.44
CA PRO A 447 26.35 -18.96 25.37
C PRO A 447 26.44 -20.48 25.29
N PRO A 448 27.25 -21.05 24.37
CA PRO A 448 27.57 -22.49 24.39
C PRO A 448 28.26 -22.99 25.66
N HIS B 27 21.17 18.85 -7.55
CA HIS B 27 19.79 18.94 -8.15
C HIS B 27 18.78 18.08 -7.36
N ALA B 28 18.74 18.29 -6.03
CA ALA B 28 17.66 17.90 -5.07
C ALA B 28 16.88 19.16 -4.67
N PRO B 29 15.65 19.37 -5.20
CA PRO B 29 15.12 20.73 -5.38
C PRO B 29 14.90 21.45 -4.05
N VAL B 30 15.19 22.75 -3.99
CA VAL B 30 14.77 23.63 -2.85
C VAL B 30 13.28 23.90 -2.98
N VAL B 31 12.47 23.50 -1.99
CA VAL B 31 10.98 23.55 -2.08
C VAL B 31 10.43 24.65 -1.16
N PHE B 32 9.48 25.41 -1.68
CA PHE B 32 8.70 26.45 -0.99
C PHE B 32 7.22 26.23 -1.32
N THR B 33 6.37 26.21 -0.29
CA THR B 33 4.91 26.09 -0.40
C THR B 33 4.26 27.44 -0.04
N LEU B 34 3.40 27.96 -0.91
CA LEU B 34 2.68 29.23 -0.68
C LEU B 34 1.19 28.93 -0.69
N ARG B 35 0.47 29.43 0.32
CA ARG B 35 -1.01 29.44 0.38
C ARG B 35 -1.47 30.89 0.18
N THR B 36 -2.39 31.13 -0.74
CA THR B 36 -2.99 32.45 -0.97
C THR B 36 -3.92 32.74 0.22
N GLY B 37 -4.08 34.00 0.58
CA GLY B 37 -5.08 34.39 1.60
C GLY B 37 -5.12 35.87 1.85
N ILE B 38 -5.65 36.23 3.03
CA ILE B 38 -5.81 37.62 3.52
C ILE B 38 -5.02 37.76 4.82
N ALA B 39 -4.07 38.67 4.87
CA ALA B 39 -3.23 38.93 6.05
C ALA B 39 -2.73 40.36 5.95
N GLU B 40 -2.55 41.02 7.10
CA GLU B 40 -2.04 42.42 7.17
C GLU B 40 -2.87 43.29 6.22
N GLY B 41 -4.19 43.06 6.13
CA GLY B 41 -5.17 43.91 5.43
C GLY B 41 -5.02 43.88 3.92
N ARG B 42 -4.29 42.86 3.41
CA ARG B 42 -3.97 42.70 1.97
C ARG B 42 -4.27 41.25 1.54
N MET B 43 -4.50 41.08 0.24
CA MET B 43 -4.52 39.76 -0.42
C MET B 43 -3.07 39.37 -0.73
N VAL B 44 -2.58 38.27 -0.14
CA VAL B 44 -1.13 37.95 -0.09
C VAL B 44 -0.86 36.45 -0.36
N TYR B 45 0.42 36.13 -0.46
CA TYR B 45 0.95 34.76 -0.32
C TYR B 45 1.34 34.59 1.14
N ILE B 46 1.01 33.43 1.72
CA ILE B 46 1.46 33.04 3.08
C ILE B 46 2.32 31.77 2.97
N GLY B 47 3.52 31.81 3.55
CA GLY B 47 4.43 30.65 3.61
C GLY B 47 3.86 29.50 4.44
N VAL B 48 4.10 28.26 3.99
CA VAL B 48 3.69 27.00 4.66
C VAL B 48 4.94 26.14 4.88
N GLY B 49 5.24 25.83 6.15
CA GLY B 49 6.38 25.00 6.58
C GLY B 49 7.71 25.67 6.32
N GLY B 50 8.80 25.02 6.74
CA GLY B 50 10.17 25.44 6.44
C GLY B 50 10.53 26.70 7.18
N ASP B 51 11.39 27.53 6.60
CA ASP B 51 11.88 28.80 7.21
C ASP B 51 10.86 29.92 6.98
N ILE B 52 9.73 29.63 6.34
CA ILE B 52 8.78 30.67 5.87
C ILE B 52 7.38 30.43 6.45
N ASP B 53 7.22 29.55 7.45
CA ASP B 53 5.86 29.17 7.95
C ASP B 53 5.14 30.43 8.45
N ARG B 54 3.95 30.71 7.93
CA ARG B 54 2.99 31.74 8.40
C ARG B 54 3.48 33.16 8.07
N GLN B 55 4.62 33.33 7.42
CA GLN B 55 5.11 34.65 6.96
C GLN B 55 4.31 35.10 5.74
N VAL B 56 4.01 36.38 5.63
CA VAL B 56 3.22 36.90 4.48
C VAL B 56 4.22 37.40 3.44
N ASN B 57 3.96 37.10 2.16
CA ASN B 57 4.86 37.42 1.03
C ASN B 57 6.31 37.12 1.41
N PRO B 58 6.63 35.86 1.82
CA PRO B 58 7.96 35.53 2.31
C PRO B 58 9.05 35.65 1.24
N LYS B 59 10.24 36.09 1.66
CA LYS B 59 11.43 36.10 0.78
C LYS B 59 11.89 34.65 0.63
N LEU B 60 12.02 34.19 -0.60
CA LEU B 60 12.50 32.82 -0.95
C LEU B 60 14.00 32.89 -1.25
N VAL B 61 14.83 32.48 -0.28
CA VAL B 61 16.33 32.55 -0.43
C VAL B 61 16.83 31.23 -1.02
N VAL B 62 17.48 31.36 -2.16
CA VAL B 62 17.94 30.25 -3.06
C VAL B 62 19.38 30.59 -3.47
N HIS B 63 20.22 29.58 -3.66
CA HIS B 63 21.62 29.76 -4.11
C HIS B 63 21.74 29.48 -5.60
N GLU B 64 22.61 30.23 -6.28
CA GLU B 64 22.89 30.16 -7.74
C GLU B 64 22.96 28.68 -8.16
N GLY B 65 22.25 28.33 -9.22
CA GLY B 65 22.27 26.98 -9.81
C GLY B 65 21.40 25.97 -9.05
N GLU B 66 20.76 26.32 -7.94
CA GLU B 66 19.80 25.39 -7.30
C GLU B 66 18.55 25.27 -8.18
N THR B 67 17.91 24.12 -8.14
CA THR B 67 16.58 23.88 -8.72
C THR B 67 15.56 24.28 -7.66
N VAL B 68 14.58 25.09 -8.06
CA VAL B 68 13.56 25.66 -7.14
C VAL B 68 12.21 25.06 -7.53
N GLN B 69 11.53 24.47 -6.55
CA GLN B 69 10.13 24.02 -6.67
C GLN B 69 9.27 24.95 -5.79
N ILE B 70 8.29 25.58 -6.39
CA ILE B 70 7.27 26.41 -5.68
C ILE B 70 5.92 25.71 -5.84
N ASN B 71 5.34 25.30 -4.71
CA ASN B 71 3.97 24.72 -4.64
C ASN B 71 2.97 25.83 -4.29
N LEU B 72 2.10 26.22 -5.21
CA LEU B 72 1.00 27.19 -4.92
C LEU B 72 -0.26 26.43 -4.53
N ILE B 73 -0.84 26.76 -3.38
CA ILE B 73 -2.13 26.23 -2.89
C ILE B 73 -3.08 27.41 -2.64
N ASN B 74 -4.26 27.34 -3.24
CA ASN B 74 -5.36 28.33 -3.09
C ASN B 74 -5.93 28.22 -1.67
N GLY B 75 -5.87 29.31 -0.91
CA GLY B 75 -6.33 29.38 0.49
C GLY B 75 -7.80 29.80 0.59
N GLU B 76 -8.18 30.90 -0.08
CA GLU B 76 -9.45 31.62 0.22
C GLU B 76 -10.47 31.52 -0.93
N GLY B 77 -10.06 31.22 -2.17
CA GLY B 77 -11.01 30.80 -3.21
C GLY B 77 -11.15 31.80 -4.35
N ALA B 78 -10.26 32.78 -4.46
CA ALA B 78 -10.17 33.63 -5.67
C ALA B 78 -9.26 32.95 -6.69
N GLN B 79 -9.18 33.44 -7.93
CA GLN B 79 -8.24 32.91 -8.95
C GLN B 79 -6.86 33.49 -8.68
N HIS B 80 -5.84 32.63 -8.75
CA HIS B 80 -4.43 32.97 -8.44
C HIS B 80 -3.47 32.18 -9.32
N ASP B 81 -2.33 32.79 -9.61
CA ASP B 81 -1.09 32.09 -10.02
C ASP B 81 0.07 32.74 -9.28
N ALA B 82 1.27 32.24 -9.52
CA ALA B 82 2.54 32.91 -9.15
C ALA B 82 3.36 32.96 -10.44
N VAL B 83 3.96 34.12 -10.72
CA VAL B 83 4.80 34.35 -11.92
C VAL B 83 6.13 34.93 -11.47
N ILE B 84 7.22 34.49 -12.10
CA ILE B 84 8.59 35.07 -12.00
C ILE B 84 9.06 35.39 -13.42
N ASP B 85 9.14 36.67 -13.78
CA ASP B 85 9.26 37.10 -15.21
C ASP B 85 10.62 36.69 -15.76
N GLN B 86 11.70 36.91 -14.99
CA GLN B 86 13.10 36.83 -15.51
C GLN B 86 13.50 35.36 -15.68
N TYR B 87 12.67 34.44 -15.18
CA TYR B 87 12.81 32.96 -15.35
C TYR B 87 11.72 32.42 -16.28
N ALA B 88 10.88 33.27 -16.86
CA ALA B 88 9.69 32.82 -17.61
C ALA B 88 9.04 31.61 -16.91
N ALA B 89 9.02 31.59 -15.58
CA ALA B 89 8.48 30.51 -14.73
C ALA B 89 7.12 30.94 -14.17
N ARG B 90 6.11 30.08 -14.23
CA ARG B 90 4.80 30.38 -13.61
C ARG B 90 4.08 29.10 -13.22
N SER B 91 3.22 29.20 -12.21
CA SER B 91 2.19 28.19 -11.89
C SER B 91 1.09 28.28 -12.94
N ALA B 92 0.20 27.30 -12.93
CA ALA B 92 -1.12 27.38 -13.57
C ALA B 92 -2.01 28.29 -12.70
N ILE B 93 -3.14 28.72 -13.24
CA ILE B 93 -4.18 29.48 -12.48
C ILE B 93 -4.94 28.48 -11.61
N VAL B 94 -5.00 28.69 -10.31
CA VAL B 94 -5.70 27.81 -9.35
C VAL B 94 -6.96 28.56 -8.83
N SER B 95 -8.14 27.97 -8.93
CA SER B 95 -9.45 28.66 -8.80
C SER B 95 -10.13 28.38 -7.46
N GLY B 96 -10.42 27.10 -7.16
CA GLY B 96 -11.13 26.75 -5.91
C GLY B 96 -10.19 26.69 -4.70
N LYS B 97 -10.75 26.67 -3.49
CA LYS B 97 -10.00 26.39 -2.24
C LYS B 97 -9.30 25.03 -2.38
N ASN B 98 -8.00 24.98 -2.04
CA ASN B 98 -7.13 23.76 -2.05
C ASN B 98 -6.60 23.42 -3.45
N ALA B 99 -7.11 24.05 -4.51
CA ALA B 99 -6.58 23.90 -5.88
C ALA B 99 -5.10 24.31 -5.86
N SER B 100 -4.25 23.48 -6.47
CA SER B 100 -2.77 23.58 -6.36
C SER B 100 -2.14 23.53 -7.74
N SER B 101 -0.96 24.15 -7.83
CA SER B 101 -0.10 24.09 -9.03
C SER B 101 1.33 24.22 -8.54
N THR B 102 2.19 23.26 -8.88
CA THR B 102 3.63 23.36 -8.61
C THR B 102 4.33 23.65 -9.93
N PHE B 103 5.44 24.38 -9.85
CA PHE B 103 6.33 24.71 -10.98
C PHE B 103 7.76 24.72 -10.45
N SER B 104 8.73 24.55 -11.34
CA SER B 104 10.16 24.56 -10.98
C SER B 104 10.97 25.24 -12.09
N PHE B 105 12.21 25.53 -11.76
CA PHE B 105 13.16 26.23 -12.64
C PHE B 105 14.48 26.16 -11.92
N ILE B 106 15.56 26.41 -12.67
CA ILE B 106 16.94 26.44 -12.14
C ILE B 106 17.28 27.90 -11.87
N ALA B 107 17.67 28.21 -10.63
CA ALA B 107 18.04 29.56 -10.19
C ALA B 107 19.42 29.90 -10.77
N SER B 108 19.48 30.14 -12.07
CA SER B 108 20.73 30.34 -12.84
C SER B 108 21.23 31.79 -12.74
N LYS B 109 20.35 32.74 -12.42
CA LYS B 109 20.65 34.20 -12.40
C LYS B 109 20.58 34.72 -10.95
N VAL B 110 21.68 35.30 -10.46
CA VAL B 110 21.77 35.92 -9.11
C VAL B 110 20.94 37.20 -9.11
N GLY B 111 20.40 37.59 -7.96
CA GLY B 111 19.69 38.87 -7.76
C GLY B 111 18.35 38.69 -7.06
N GLN B 112 17.47 39.68 -7.21
CA GLN B 112 16.11 39.67 -6.61
C GLN B 112 15.09 39.74 -7.74
N PHE B 113 14.06 38.90 -7.65
CA PHE B 113 13.03 38.72 -8.70
C PHE B 113 11.68 38.62 -8.01
N ASP B 114 10.71 39.40 -8.47
CA ASP B 114 9.34 39.39 -7.93
C ASP B 114 8.66 38.09 -8.38
N TYR B 115 8.09 37.37 -7.42
CA TYR B 115 6.96 36.45 -7.66
C TYR B 115 5.68 37.22 -7.35
N TYR B 116 4.70 37.11 -8.24
CA TYR B 116 3.43 37.87 -8.16
C TYR B 116 2.31 37.11 -8.85
N CYS B 117 1.08 37.49 -8.52
CA CYS B 117 -0.15 36.98 -9.15
C CYS B 117 -0.49 37.87 -10.34
N SER B 118 -0.78 37.29 -11.50
CA SER B 118 -1.05 38.04 -12.75
C SER B 118 -2.55 38.28 -12.91
N LEU B 119 -3.40 37.71 -12.05
CA LEU B 119 -4.88 37.90 -12.18
C LEU B 119 -5.20 39.39 -12.00
N PRO B 120 -6.23 39.92 -12.71
CA PRO B 120 -6.50 41.36 -12.69
C PRO B 120 -6.53 41.95 -11.27
N GLY B 121 -5.61 42.88 -11.02
CA GLY B 121 -5.56 43.67 -9.78
C GLY B 121 -4.89 42.96 -8.60
N HIS B 122 -4.60 41.65 -8.68
CA HIS B 122 -4.20 40.86 -7.49
C HIS B 122 -2.81 41.32 -7.03
N ARG B 123 -1.96 41.75 -7.94
CA ARG B 123 -0.60 42.21 -7.59
C ARG B 123 -0.72 43.53 -6.81
N GLN B 124 -1.46 44.50 -7.36
CA GLN B 124 -1.81 45.78 -6.70
C GLN B 124 -2.41 45.47 -5.31
N ALA B 125 -3.28 44.47 -5.18
CA ALA B 125 -3.97 44.12 -3.91
C ALA B 125 -3.01 43.56 -2.85
N GLY B 126 -1.79 43.17 -3.24
CA GLY B 126 -0.69 42.76 -2.33
C GLY B 126 -0.03 41.44 -2.69
N MET B 127 -0.48 40.74 -3.74
CA MET B 127 0.06 39.39 -4.08
C MET B 127 1.42 39.55 -4.79
N GLN B 128 2.50 39.69 -4.01
CA GLN B 128 3.86 39.92 -4.53
C GLN B 128 4.89 39.73 -3.41
N GLY B 129 5.95 38.97 -3.71
CA GLY B 129 7.14 38.81 -2.85
C GLY B 129 8.39 38.71 -3.70
N VAL B 130 9.55 38.50 -3.07
CA VAL B 130 10.83 38.44 -3.80
C VAL B 130 11.41 37.03 -3.64
N LEU B 131 11.87 36.47 -4.77
CA LEU B 131 12.86 35.37 -4.83
C LEU B 131 14.26 36.00 -4.78
N GLN B 132 15.07 35.65 -3.79
CA GLN B 132 16.48 36.12 -3.73
C GLN B 132 17.41 34.95 -4.06
N VAL B 133 18.11 35.08 -5.19
CA VAL B 133 19.14 34.14 -5.69
C VAL B 133 20.52 34.71 -5.34
N VAL B 134 21.20 34.04 -4.42
CA VAL B 134 22.48 34.46 -3.79
C VAL B 134 23.61 33.66 -4.44
N PRO B 135 24.79 34.27 -4.69
CA PRO B 135 25.90 33.54 -5.27
C PRO B 135 26.44 32.50 -4.28
N GLY B 136 27.13 31.48 -4.81
CA GLY B 136 27.82 30.47 -4.00
C GLY B 136 26.90 29.37 -3.53
N ASN B 137 27.49 28.30 -2.99
CA ASN B 137 26.80 27.06 -2.56
C ASN B 137 26.21 27.31 -1.17
N ARG B 138 25.00 26.78 -0.94
CA ARG B 138 24.32 26.77 0.38
C ARG B 138 25.27 26.11 1.38
N ALA B 139 25.57 26.77 2.51
CA ALA B 139 26.32 26.17 3.64
C ALA B 139 25.42 25.10 4.31
N GLU B 140 26.04 24.09 4.92
CA GLU B 140 25.34 23.06 5.74
C GLU B 140 24.91 23.73 7.05
N MET B 141 23.71 23.43 7.54
CA MET B 141 23.27 23.91 8.87
C MET B 141 24.08 23.20 9.94
N PRO B 142 24.83 23.91 10.81
CA PRO B 142 25.48 23.25 11.95
C PRO B 142 24.48 22.34 12.67
N SER B 143 24.86 21.08 12.91
CA SER B 143 23.95 20.08 13.51
C SER B 143 23.76 20.42 14.99
N THR B 144 22.67 19.92 15.56
CA THR B 144 22.27 20.15 16.97
C THR B 144 22.40 18.81 17.72
N ALA B 145 22.08 17.68 17.06
CA ALA B 145 22.03 16.32 17.66
C ALA B 145 23.03 15.39 16.97
N ALA B 146 23.23 14.20 17.55
CA ALA B 146 24.12 13.14 17.02
C ALA B 146 23.70 12.78 15.59
N ASP B 147 24.67 12.53 14.71
CA ASP B 147 24.44 11.92 13.38
C ASP B 147 24.11 10.44 13.59
N ILE B 148 22.87 10.02 13.31
CA ILE B 148 22.37 8.63 13.52
C ILE B 148 22.31 7.86 12.19
N THR B 149 22.74 8.48 11.10
CA THR B 149 22.76 7.85 9.75
C THR B 149 23.91 6.85 9.66
N ARG B 150 23.59 5.57 9.45
CA ARG B 150 24.52 4.50 9.03
C ARG B 150 25.12 4.84 7.65
N ASP B 151 26.44 4.94 7.55
CA ASP B 151 27.09 5.08 6.22
C ASP B 151 26.71 3.84 5.42
N PRO B 152 26.31 3.94 4.13
CA PRO B 152 25.90 2.77 3.37
C PRO B 152 27.07 1.82 3.05
N ALA B 153 28.31 2.30 3.20
CA ALA B 153 29.56 1.54 3.03
C ALA B 153 29.98 0.86 4.33
N ASP B 154 29.30 1.14 5.44
CA ASP B 154 29.64 0.58 6.77
C ASP B 154 29.01 -0.81 6.92
N LEU B 155 29.61 -1.82 6.30
CA LEU B 155 29.24 -3.26 6.47
C LEU B 155 30.48 -4.14 6.28
N PRO B 156 30.55 -5.32 6.94
CA PRO B 156 31.59 -6.32 6.66
C PRO B 156 31.51 -6.78 5.20
N GLY B 157 32.66 -6.99 4.55
CA GLY B 157 32.75 -7.55 3.20
C GLY B 157 32.49 -9.06 3.19
N PRO B 158 32.54 -9.71 2.01
CA PRO B 158 32.34 -11.15 1.91
C PRO B 158 33.19 -11.90 2.95
N ILE B 159 32.60 -12.89 3.62
CA ILE B 159 33.35 -13.87 4.46
C ILE B 159 34.24 -14.68 3.51
N GLY B 160 35.49 -14.97 3.87
CA GLY B 160 36.30 -15.93 3.10
C GLY B 160 35.52 -17.22 2.89
N ALA B 161 35.91 -18.07 1.95
CA ALA B 161 35.50 -19.49 2.01
C ALA B 161 36.07 -20.04 3.32
N ARG B 162 35.26 -20.73 4.13
CA ARG B 162 35.67 -21.26 5.46
C ARG B 162 34.58 -22.19 5.96
N GLN B 163 34.88 -22.98 6.98
CA GLN B 163 33.91 -23.92 7.61
C GLN B 163 32.95 -23.09 8.48
N ALA B 164 31.73 -23.59 8.66
CA ALA B 164 30.80 -23.15 9.72
C ALA B 164 31.59 -23.03 11.03
N LYS B 165 31.20 -22.08 11.90
CA LYS B 165 31.83 -21.88 13.23
C LYS B 165 30.89 -21.09 14.16
N THR B 166 31.28 -20.94 15.42
CA THR B 166 30.59 -20.09 16.42
C THR B 166 31.04 -18.65 16.22
N VAL B 167 30.09 -17.72 16.04
CA VAL B 167 30.30 -16.26 15.82
C VAL B 167 29.62 -15.49 16.97
N ARG B 168 30.38 -14.72 17.75
CA ARG B 168 29.85 -13.83 18.81
C ARG B 168 29.49 -12.48 18.17
N ILE B 169 28.23 -12.06 18.33
CA ILE B 169 27.73 -10.71 17.90
C ILE B 169 27.31 -9.92 19.15
N ASP B 170 27.78 -8.68 19.25
CA ASP B 170 27.45 -7.75 20.36
C ASP B 170 26.61 -6.61 19.78
N LEU B 171 25.37 -6.48 20.26
CA LEU B 171 24.45 -5.35 19.98
C LEU B 171 24.19 -4.58 21.29
N GLU B 172 24.11 -3.24 21.19
CA GLU B 172 23.72 -2.33 22.29
C GLU B 172 22.52 -1.49 21.85
N THR B 173 21.43 -1.50 22.63
CA THR B 173 20.21 -0.70 22.37
C THR B 173 20.40 0.66 23.06
N VAL B 174 20.42 1.73 22.26
CA VAL B 174 20.73 3.11 22.71
C VAL B 174 19.58 4.03 22.26
N GLU B 175 18.97 4.73 23.23
CA GLU B 175 17.97 5.80 23.00
C GLU B 175 18.74 7.12 22.98
N LEU B 176 18.57 7.92 21.94
CA LEU B 176 19.37 9.16 21.79
C LEU B 176 18.71 10.10 20.77
N LYS B 177 18.95 11.40 20.95
CA LYS B 177 18.45 12.45 20.04
C LYS B 177 19.32 12.44 18.81
N GLY B 178 18.69 12.51 17.64
CA GLY B 178 19.38 12.44 16.34
C GLY B 178 18.92 13.55 15.42
N GLN B 179 19.74 13.88 14.43
CA GLN B 179 19.47 14.91 13.41
C GLN B 179 18.56 14.29 12.34
N LEU B 180 17.25 14.48 12.46
CA LEU B 180 16.24 13.96 11.50
C LEU B 180 16.32 14.76 10.20
N ASP B 181 16.48 16.07 10.32
CA ASP B 181 16.61 16.98 9.15
C ASP B 181 17.55 18.12 9.57
N ASP B 182 17.87 19.07 8.70
CA ASP B 182 19.07 19.91 9.00
C ASP B 182 18.79 20.91 10.13
N LYS B 183 17.53 21.21 10.52
CA LYS B 183 17.24 22.03 11.75
C LYS B 183 16.18 21.34 12.62
N THR B 184 16.07 20.02 12.51
CA THR B 184 14.99 19.21 13.10
C THR B 184 15.61 18.00 13.79
N THR B 185 15.19 17.72 15.03
CA THR B 185 15.66 16.58 15.84
C THR B 185 14.48 15.65 16.14
N TYR B 186 14.78 14.48 16.70
CA TYR B 186 13.84 13.39 17.04
C TYR B 186 14.59 12.46 18.00
N THR B 187 13.85 11.76 18.85
CA THR B 187 14.45 10.80 19.80
C THR B 187 14.42 9.43 19.11
N TYR B 188 15.58 9.00 18.63
CA TYR B 188 15.77 7.67 17.99
C TYR B 188 16.01 6.62 19.08
N TRP B 189 15.48 5.43 18.83
CA TRP B 189 15.88 4.15 19.46
C TRP B 189 16.65 3.33 18.43
N THR B 190 17.84 2.84 18.77
CA THR B 190 18.78 2.24 17.81
C THR B 190 19.48 1.00 18.37
N PHE B 191 20.02 0.21 17.45
CA PHE B 191 21.13 -0.73 17.71
C PHE B 191 22.42 0.06 17.43
N ASN B 192 23.20 0.32 18.48
CA ASN B 192 24.58 0.86 18.40
C ASN B 192 24.56 2.30 17.86
N GLY B 193 23.51 3.06 18.17
CA GLY B 193 23.47 4.51 17.98
C GLY B 193 23.34 4.94 16.53
N LYS B 194 22.92 4.04 15.62
CA LYS B 194 22.78 4.37 14.17
C LYS B 194 21.59 3.61 13.56
N VAL B 195 21.11 4.12 12.43
CA VAL B 195 19.91 3.58 11.71
C VAL B 195 20.28 3.44 10.24
N PRO B 196 20.24 2.23 9.66
CA PRO B 196 19.93 0.99 10.39
C PRO B 196 21.04 0.52 11.33
N GLY B 197 20.74 -0.49 12.14
CA GLY B 197 21.70 -1.14 13.06
C GLY B 197 22.86 -1.78 12.30
N PRO B 198 23.84 -2.38 13.02
CA PRO B 198 24.99 -3.02 12.37
C PRO B 198 24.54 -4.06 11.33
N PHE B 199 25.22 -4.10 10.18
CA PHE B 199 25.08 -5.18 9.16
C PHE B 199 25.75 -6.45 9.69
N LEU B 200 24.97 -7.47 9.99
CA LEU B 200 25.47 -8.75 10.53
C LEU B 200 25.66 -9.73 9.36
N ARG B 201 26.83 -10.35 9.30
CA ARG B 201 27.26 -11.22 8.17
C ARG B 201 27.82 -12.51 8.76
N VAL B 202 27.11 -13.62 8.53
CA VAL B 202 27.55 -14.98 8.91
C VAL B 202 27.44 -15.90 7.69
N ARG B 203 27.89 -17.15 7.85
CA ARG B 203 27.78 -18.23 6.84
C ARG B 203 26.67 -19.17 7.32
N VAL B 204 25.86 -19.74 6.42
CA VAL B 204 24.91 -20.84 6.77
C VAL B 204 25.66 -21.85 7.65
N GLY B 205 25.00 -22.43 8.64
CA GLY B 205 25.60 -23.43 9.55
C GLY B 205 26.25 -22.80 10.76
N ASP B 206 26.64 -21.52 10.67
CA ASP B 206 27.27 -20.79 11.81
C ASP B 206 26.34 -20.84 13.03
N THR B 207 26.95 -20.89 14.22
CA THR B 207 26.26 -20.76 15.53
C THR B 207 26.51 -19.33 16.03
N VAL B 208 25.42 -18.55 16.20
CA VAL B 208 25.48 -17.11 16.60
C VAL B 208 25.28 -17.04 18.11
N GLU B 209 26.29 -16.50 18.80
CA GLU B 209 26.27 -16.16 20.25
C GLU B 209 26.00 -14.66 20.33
N LEU B 210 24.72 -14.30 20.49
CA LEU B 210 24.29 -12.88 20.50
C LEU B 210 24.25 -12.35 21.94
N HIS B 211 24.97 -11.28 22.18
CA HIS B 211 24.91 -10.46 23.42
C HIS B 211 24.13 -9.18 23.10
N LEU B 212 22.97 -8.97 23.73
CA LEU B 212 22.24 -7.66 23.68
C LEU B 212 22.42 -6.91 25.02
N LYS B 213 23.18 -5.81 25.01
CA LYS B 213 23.34 -4.83 26.12
C LYS B 213 22.37 -3.65 25.90
N ASN B 214 21.38 -3.45 26.79
CA ASN B 214 20.48 -2.26 26.80
C ASN B 214 21.15 -1.16 27.64
N ALA B 215 21.49 -0.02 27.04
CA ALA B 215 22.20 1.09 27.72
C ALA B 215 21.44 1.46 29.00
N LYS B 216 22.20 1.90 30.02
CA LYS B 216 21.73 2.30 31.38
C LYS B 216 20.73 3.47 31.26
N ASP B 217 20.91 4.34 30.26
CA ASP B 217 20.13 5.60 30.10
C ASP B 217 18.85 5.33 29.29
N SER B 218 18.54 4.10 28.93
CA SER B 218 17.30 3.78 28.18
C SER B 218 16.11 3.85 29.13
N LEU B 219 14.98 4.39 28.67
CA LEU B 219 13.69 4.33 29.41
C LEU B 219 13.05 2.97 29.14
N MET B 220 13.20 2.44 27.94
CA MET B 220 12.42 1.25 27.51
C MET B 220 13.26 -0.02 27.59
N ILE B 221 12.58 -1.13 27.88
CA ILE B 221 13.06 -2.51 27.57
C ILE B 221 13.29 -2.58 26.05
N HIS B 222 14.36 -3.24 25.61
CA HIS B 222 14.63 -3.52 24.17
C HIS B 222 14.94 -5.01 23.97
N SER B 223 14.87 -5.45 22.72
CA SER B 223 14.96 -6.88 22.33
C SER B 223 15.46 -6.96 20.89
N VAL B 224 15.56 -8.17 20.35
CA VAL B 224 15.83 -8.34 18.90
C VAL B 224 15.20 -9.65 18.42
N ASP B 225 14.52 -9.55 17.28
CA ASP B 225 13.95 -10.66 16.46
C ASP B 225 14.78 -10.60 15.17
N PHE B 226 15.49 -11.68 14.86
CA PHE B 226 16.18 -11.92 13.55
C PHE B 226 15.30 -12.80 12.67
N HIS B 227 14.98 -12.34 11.46
CA HIS B 227 14.14 -13.12 10.52
C HIS B 227 14.92 -14.36 10.06
N GLY B 228 16.24 -14.40 10.31
CA GLY B 228 17.15 -15.51 9.97
C GLY B 228 17.39 -16.48 11.11
N ALA B 229 16.66 -16.37 12.23
CA ALA B 229 16.73 -17.29 13.39
C ALA B 229 15.42 -18.09 13.51
N THR B 230 15.54 -19.32 13.99
CA THR B 230 14.43 -20.28 14.17
C THR B 230 14.19 -20.49 15.68
N GLY B 231 13.00 -20.16 16.15
CA GLY B 231 12.55 -20.37 17.55
C GLY B 231 11.83 -19.15 18.09
N PRO B 232 11.33 -19.20 19.34
CA PRO B 232 10.46 -18.14 19.89
C PRO B 232 10.90 -16.69 19.56
N GLY B 233 10.02 -15.95 18.87
CA GLY B 233 10.15 -14.51 18.60
C GLY B 233 11.37 -14.18 17.74
N GLY B 234 11.96 -15.19 17.06
CA GLY B 234 13.21 -15.03 16.29
C GLY B 234 14.35 -14.55 17.16
N ALA B 235 14.35 -14.96 18.44
CA ALA B 235 15.33 -14.61 19.51
C ALA B 235 14.74 -13.58 20.49
N ALA B 236 13.65 -12.90 20.12
CA ALA B 236 12.96 -11.86 20.92
C ALA B 236 12.59 -12.39 22.31
N ALA B 237 12.12 -13.64 22.42
CA ALA B 237 11.66 -14.24 23.69
C ALA B 237 12.83 -14.44 24.66
N TYR B 238 14.08 -14.29 24.21
CA TYR B 238 15.29 -14.53 25.05
C TYR B 238 16.04 -13.20 25.28
N THR B 239 15.68 -12.12 24.57
CA THR B 239 16.48 -10.86 24.54
C THR B 239 15.69 -9.65 25.06
N GLN B 240 14.54 -9.84 25.72
CA GLN B 240 13.81 -8.72 26.40
C GLN B 240 14.74 -8.24 27.52
N THR B 241 15.44 -7.12 27.30
CA THR B 241 16.58 -6.66 28.15
C THR B 241 16.20 -5.36 28.88
N ASP B 242 16.17 -5.38 30.21
CA ASP B 242 15.92 -4.18 31.04
C ASP B 242 17.06 -3.20 30.80
N PRO B 243 16.85 -1.87 30.98
CA PRO B 243 17.94 -0.91 30.90
C PRO B 243 19.11 -1.22 31.86
N GLY B 244 20.34 -1.04 31.38
CA GLY B 244 21.57 -1.35 32.12
C GLY B 244 21.85 -2.84 32.22
N ALA B 245 20.98 -3.70 31.68
CA ALA B 245 21.08 -5.18 31.76
C ALA B 245 21.62 -5.74 30.44
N GLU B 246 21.88 -7.05 30.42
CA GLU B 246 22.38 -7.78 29.24
C GLU B 246 21.68 -9.13 29.16
N THR B 247 21.23 -9.50 27.95
CA THR B 247 20.76 -10.87 27.63
C THR B 247 21.74 -11.47 26.64
N VAL B 248 21.86 -12.80 26.67
CA VAL B 248 22.70 -13.59 25.73
C VAL B 248 21.82 -14.69 25.18
N VAL B 249 21.71 -14.80 23.86
CA VAL B 249 21.00 -15.93 23.18
C VAL B 249 21.97 -16.57 22.18
N THR B 250 21.93 -17.89 22.02
CA THR B 250 22.65 -18.60 20.94
C THR B 250 21.60 -19.17 19.98
N PHE B 251 21.87 -19.11 18.68
CA PHE B 251 20.97 -19.68 17.64
C PHE B 251 21.79 -20.08 16.42
N LYS B 252 21.35 -21.11 15.69
CA LYS B 252 22.03 -21.59 14.45
C LYS B 252 21.40 -20.87 13.26
N ALA B 253 22.24 -20.30 12.39
CA ALA B 253 21.84 -19.76 11.09
C ALA B 253 21.61 -20.94 10.14
N LEU B 254 20.41 -21.53 10.16
CA LEU B 254 20.03 -22.76 9.42
C LEU B 254 19.79 -22.45 7.95
N VAL B 255 19.44 -21.22 7.58
CA VAL B 255 18.96 -20.92 6.21
C VAL B 255 19.67 -19.70 5.68
N PRO B 256 20.24 -19.79 4.46
CA PRO B 256 20.82 -18.63 3.80
C PRO B 256 19.70 -17.70 3.32
N GLY B 257 20.02 -16.41 3.28
CA GLY B 257 19.08 -15.32 3.00
C GLY B 257 19.60 -13.97 3.49
N ILE B 258 18.97 -12.91 3.04
CA ILE B 258 19.20 -11.50 3.50
C ILE B 258 17.98 -11.14 4.36
N PHE B 259 18.19 -11.07 5.67
CA PHE B 259 17.12 -11.04 6.68
C PHE B 259 17.09 -9.68 7.37
N VAL B 260 15.91 -9.05 7.50
CA VAL B 260 15.79 -7.87 8.40
C VAL B 260 15.74 -8.45 9.82
N TYR B 261 16.45 -7.81 10.74
CA TYR B 261 16.25 -7.95 12.21
C TYR B 261 15.69 -6.61 12.73
N HIS B 262 14.95 -6.67 13.84
CA HIS B 262 14.28 -5.50 14.48
C HIS B 262 14.07 -5.77 15.97
N CYS B 263 13.92 -4.73 16.76
CA CYS B 263 13.39 -4.80 18.14
C CYS B 263 11.99 -5.44 18.13
N ALA B 264 11.67 -6.23 19.15
CA ALA B 264 10.37 -6.91 19.29
C ALA B 264 9.89 -6.77 20.73
N THR B 265 10.05 -5.56 21.29
CA THR B 265 9.44 -5.11 22.58
C THR B 265 8.22 -4.24 22.26
N PRO B 266 7.03 -4.49 22.84
CA PRO B 266 5.83 -3.72 22.50
C PRO B 266 5.97 -2.24 22.88
N SER B 267 5.42 -1.30 22.09
CA SER B 267 4.85 -1.45 20.77
C SER B 267 5.98 -1.68 19.78
N VAL B 268 5.93 -2.80 19.08
CA VAL B 268 6.98 -3.18 18.09
C VAL B 268 6.99 -2.11 17.00
N PRO B 269 5.82 -1.71 16.45
CA PRO B 269 5.79 -0.65 15.44
C PRO B 269 6.52 0.62 15.92
N ASN B 270 6.39 0.96 17.21
CA ASN B 270 7.01 2.16 17.84
C ASN B 270 8.53 1.98 17.84
N HIS B 271 9.01 0.86 18.36
CA HIS B 271 10.45 0.50 18.41
C HIS B 271 11.04 0.52 16.99
N ILE B 272 10.28 0.06 16.00
CA ILE B 272 10.76 0.01 14.59
C ILE B 272 10.83 1.44 14.03
N THR B 273 9.72 2.22 14.04
CA THR B 273 9.72 3.60 13.48
C THR B 273 10.85 4.42 14.09
N ASN B 274 11.16 4.21 15.38
CA ASN B 274 12.17 5.00 16.13
C ASN B 274 13.59 4.65 15.67
N GLY B 275 13.78 3.48 15.05
CA GLY B 275 14.98 3.16 14.24
C GLY B 275 15.60 1.79 14.52
N MET B 276 14.89 0.89 15.22
CA MET B 276 15.47 -0.39 15.69
C MET B 276 15.23 -1.47 14.61
N TYR B 277 15.95 -1.35 13.49
CA TYR B 277 15.96 -2.35 12.40
C TYR B 277 17.34 -2.40 11.74
N GLY B 278 17.68 -3.57 11.16
CA GLY B 278 18.95 -3.84 10.46
C GLY B 278 18.87 -5.09 9.58
N LEU B 279 19.97 -5.45 8.94
CA LEU B 279 20.06 -6.61 8.04
C LEU B 279 21.07 -7.63 8.60
N LEU B 280 20.69 -8.92 8.55
CA LEU B 280 21.54 -10.12 8.76
C LEU B 280 21.64 -10.85 7.42
N LEU B 281 22.82 -10.88 6.81
CA LEU B 281 23.16 -11.78 5.66
C LEU B 281 23.67 -13.10 6.23
N VAL B 282 22.91 -14.18 6.01
CA VAL B 282 23.41 -15.58 6.18
C VAL B 282 23.89 -16.04 4.80
N GLU B 283 25.19 -15.97 4.54
CA GLU B 283 25.80 -16.31 3.23
C GLU B 283 25.53 -17.78 2.89
N PRO B 284 25.18 -18.10 1.63
CA PRO B 284 25.13 -19.49 1.20
C PRO B 284 26.57 -20.05 1.18
N GLU B 285 26.72 -21.40 1.13
CA GLU B 285 28.04 -22.07 1.22
C GLU B 285 29.04 -21.45 0.24
N GLY B 286 28.62 -21.22 -1.01
CA GLY B 286 29.50 -20.64 -2.05
C GLY B 286 30.02 -19.22 -1.75
N GLY B 287 29.35 -18.48 -0.85
CA GLY B 287 29.39 -17.00 -0.86
C GLY B 287 28.43 -16.46 -1.90
N LEU B 288 28.24 -15.15 -1.96
CA LEU B 288 27.40 -14.52 -3.02
C LEU B 288 28.31 -14.28 -4.21
N PRO B 289 27.77 -14.17 -5.44
CA PRO B 289 28.59 -13.83 -6.60
C PRO B 289 29.59 -12.71 -6.29
N GLN B 290 30.80 -12.83 -6.82
CA GLN B 290 31.88 -11.82 -6.68
C GLN B 290 31.33 -10.51 -7.24
N VAL B 291 31.59 -9.43 -6.51
CA VAL B 291 31.17 -8.07 -6.95
C VAL B 291 32.20 -7.07 -6.44
N ASP B 292 32.37 -5.96 -7.14
CA ASP B 292 33.42 -4.96 -6.80
C ASP B 292 33.05 -4.23 -5.49
N ARG B 293 31.81 -3.76 -5.35
CA ARG B 293 31.45 -2.89 -4.20
C ARG B 293 30.04 -3.21 -3.68
N GLU B 294 29.94 -3.20 -2.35
CA GLU B 294 28.71 -3.53 -1.59
C GLU B 294 28.21 -2.31 -0.79
N PHE B 295 26.88 -2.21 -0.67
CA PHE B 295 26.18 -1.11 0.04
C PHE B 295 25.04 -1.66 0.89
N TYR B 296 24.81 -0.97 2.01
CA TYR B 296 23.80 -1.26 3.04
C TYR B 296 22.79 -0.11 3.06
N VAL B 297 21.55 -0.36 2.62
CA VAL B 297 20.46 0.65 2.59
C VAL B 297 19.19 0.05 3.18
N MET B 298 18.55 0.79 4.10
CA MET B 298 17.24 0.39 4.68
C MET B 298 16.28 1.59 4.65
N GLN B 299 15.03 1.35 4.26
CA GLN B 299 13.95 2.36 4.22
C GLN B 299 13.05 2.19 5.45
N GLY B 300 12.69 3.32 6.07
CA GLY B 300 11.69 3.34 7.16
C GLY B 300 10.90 4.62 7.16
N GLU B 301 9.90 4.68 8.04
CA GLU B 301 8.99 5.84 8.19
C GLU B 301 9.12 6.39 9.63
N ILE B 302 8.93 7.70 9.77
CA ILE B 302 8.79 8.37 11.10
C ILE B 302 7.47 9.16 11.09
N TYR B 303 6.73 9.06 12.19
CA TYR B 303 5.35 9.57 12.36
C TYR B 303 5.38 10.72 13.37
N THR B 304 5.49 11.96 12.88
CA THR B 304 5.64 13.15 13.74
C THR B 304 4.32 13.92 13.83
N VAL B 305 4.10 14.54 15.00
CA VAL B 305 2.97 15.48 15.29
C VAL B 305 2.95 16.55 14.20
N LYS B 306 4.09 17.19 13.93
CA LYS B 306 4.21 18.32 12.97
C LYS B 306 4.59 17.79 11.58
N PRO B 307 4.17 18.49 10.51
CA PRO B 307 4.45 18.06 9.14
C PRO B 307 5.94 17.98 8.85
N PHE B 308 6.29 17.21 7.82
CA PHE B 308 7.64 17.20 7.23
C PHE B 308 8.06 18.65 6.96
N GLY B 309 9.30 19.00 7.29
CA GLY B 309 9.85 20.35 7.01
C GLY B 309 9.81 21.27 8.23
N THR B 310 9.12 20.85 9.29
CA THR B 310 9.00 21.62 10.55
C THR B 310 10.33 21.52 11.30
N SER B 311 10.90 22.65 11.71
CA SER B 311 12.17 22.76 12.48
C SER B 311 11.90 22.42 13.95
N GLY B 312 12.96 22.14 14.71
CA GLY B 312 12.91 21.91 16.17
C GLY B 312 12.79 20.44 16.52
N GLU B 313 12.50 20.14 17.78
CA GLU B 313 12.33 18.76 18.28
C GLU B 313 10.98 18.23 17.78
N GLN B 314 10.97 17.34 16.79
CA GLN B 314 9.76 16.59 16.38
C GLN B 314 9.47 15.50 17.44
N GLU B 315 8.20 15.19 17.62
CA GLU B 315 7.70 14.18 18.58
C GLU B 315 6.80 13.21 17.81
N MET B 316 6.66 12.02 18.37
CA MET B 316 5.93 10.89 17.77
C MET B 316 4.42 11.15 17.92
N ASP B 317 3.66 10.85 16.87
CA ASP B 317 2.20 10.99 16.84
C ASP B 317 1.58 9.58 16.78
N TYR B 318 1.12 9.06 17.91
CA TYR B 318 0.59 7.67 18.02
C TYR B 318 -0.54 7.46 17.01
N GLU B 319 -1.47 8.41 16.88
N GLU B 319 -1.47 8.41 16.88
CA GLU B 319 -2.66 8.21 15.99
CA GLU B 319 -2.65 8.21 16.00
C GLU B 319 -2.16 8.07 14.55
C GLU B 319 -2.17 8.08 14.55
N LYS B 320 -1.09 8.76 14.16
CA LYS B 320 -0.54 8.69 12.78
C LYS B 320 0.15 7.33 12.58
N LEU B 321 0.90 6.86 13.58
CA LEU B 321 1.59 5.56 13.55
C LEU B 321 0.57 4.43 13.33
N ILE B 322 -0.46 4.29 14.16
CA ILE B 322 -1.44 3.16 14.06
C ILE B 322 -2.33 3.32 12.83
N SER B 323 -2.44 4.52 12.25
CA SER B 323 -3.25 4.81 11.04
C SER B 323 -2.38 4.81 9.77
N GLU B 324 -1.06 4.65 9.92
CA GLU B 324 -0.13 4.51 8.77
C GLU B 324 -0.14 5.80 7.96
N LYS B 325 0.06 6.94 8.63
CA LYS B 325 0.11 8.27 8.00
C LYS B 325 1.41 8.95 8.43
N PRO B 326 2.57 8.51 7.93
CA PRO B 326 3.84 9.06 8.37
C PRO B 326 4.12 10.44 7.75
N GLU B 327 5.11 11.13 8.30
CA GLU B 327 5.55 12.45 7.78
C GLU B 327 6.90 12.29 7.09
N TYR B 328 7.72 11.38 7.60
CA TYR B 328 9.10 11.14 7.08
C TYR B 328 9.17 9.72 6.49
N PHE B 329 9.64 9.63 5.24
CA PHE B 329 10.11 8.40 4.55
C PHE B 329 11.63 8.53 4.39
N LEU B 330 12.41 7.66 5.03
CA LEU B 330 13.88 7.84 5.14
C LEU B 330 14.68 6.60 4.69
N PHE B 331 15.80 6.85 4.00
CA PHE B 331 16.94 5.90 3.86
C PHE B 331 17.92 6.17 5.00
N ASN B 332 18.24 5.15 5.79
CA ASN B 332 19.34 5.17 6.79
C ASN B 332 19.14 6.37 7.71
N GLY B 333 17.90 6.57 8.16
CA GLY B 333 17.60 7.25 9.43
C GLY B 333 17.27 8.74 9.34
N SER B 334 17.64 9.44 8.26
CA SER B 334 17.60 10.93 8.26
C SER B 334 17.31 11.47 6.87
N VAL B 335 16.77 12.68 6.80
CA VAL B 335 16.67 13.47 5.53
C VAL B 335 18.10 13.86 5.19
N GLY B 336 18.50 13.62 3.95
CA GLY B 336 19.87 13.87 3.46
C GLY B 336 20.86 12.78 3.81
N ALA B 337 20.42 11.71 4.49
CA ALA B 337 21.25 10.55 4.87
C ALA B 337 22.17 10.15 3.70
N LEU B 338 21.58 9.88 2.52
CA LEU B 338 22.30 9.28 1.37
C LEU B 338 22.47 10.32 0.26
N THR B 339 22.25 11.60 0.55
CA THR B 339 22.53 12.71 -0.39
C THR B 339 23.62 13.63 0.17
N ARG B 340 23.47 14.16 1.40
CA ARG B 340 24.37 15.17 1.98
C ARG B 340 25.37 14.49 2.94
N THR B 341 24.90 13.75 3.95
CA THR B 341 25.77 13.32 5.07
C THR B 341 26.57 12.07 4.70
N HIS B 342 25.97 11.07 4.05
CA HIS B 342 26.65 9.77 3.76
C HIS B 342 26.20 9.20 2.42
N PRO B 343 26.49 9.88 1.29
CA PRO B 343 26.09 9.35 -0.01
C PRO B 343 26.92 8.10 -0.38
N LEU B 344 26.49 7.40 -1.44
CA LEU B 344 27.17 6.22 -2.02
C LEU B 344 28.18 6.72 -3.06
N TYR B 345 29.40 6.15 -3.05
CA TYR B 345 30.50 6.43 -4.01
C TYR B 345 30.94 5.14 -4.69
N ALA B 346 31.14 5.19 -6.01
CA ALA B 346 31.59 4.03 -6.81
C ALA B 346 32.29 4.52 -8.08
N ASN B 347 32.91 3.59 -8.82
CA ASN B 347 33.70 3.88 -10.05
C ASN B 347 33.09 3.16 -11.25
N VAL B 348 33.09 3.83 -12.41
CA VAL B 348 32.68 3.25 -13.72
C VAL B 348 33.37 1.89 -13.88
N GLY B 349 32.66 0.90 -14.41
CA GLY B 349 33.18 -0.45 -14.67
C GLY B 349 32.92 -1.39 -13.51
N GLU B 350 32.66 -0.87 -12.32
CA GLU B 350 32.45 -1.71 -11.12
C GLU B 350 31.05 -2.33 -11.16
N THR B 351 30.95 -3.59 -10.77
CA THR B 351 29.68 -4.23 -10.39
C THR B 351 29.42 -3.86 -8.93
N VAL B 352 28.20 -3.37 -8.66
CA VAL B 352 27.77 -2.89 -7.33
C VAL B 352 26.66 -3.82 -6.83
N ARG B 353 26.74 -4.21 -5.56
CA ARG B 353 25.60 -4.88 -4.88
C ARG B 353 25.01 -3.96 -3.80
N ILE B 354 23.69 -3.76 -3.81
CA ILE B 354 22.96 -3.09 -2.70
C ILE B 354 22.13 -4.14 -1.94
N PHE B 355 22.47 -4.37 -0.66
CA PHE B 355 21.59 -5.02 0.31
C PHE B 355 20.55 -3.97 0.77
N PHE B 356 19.31 -4.14 0.35
CA PHE B 356 18.19 -3.20 0.59
C PHE B 356 17.10 -3.91 1.38
N GLY B 357 16.77 -3.35 2.54
CA GLY B 357 15.69 -3.87 3.39
C GLY B 357 14.77 -2.76 3.86
N VAL B 358 13.53 -3.12 4.15
CA VAL B 358 12.51 -2.18 4.67
C VAL B 358 12.25 -2.55 6.13
N GLY B 359 12.77 -1.73 7.05
CA GLY B 359 12.39 -1.75 8.47
C GLY B 359 10.93 -1.42 8.62
N GLY B 360 10.46 -0.42 7.86
CA GLY B 360 9.05 0.02 7.83
C GLY B 360 8.76 1.07 8.92
N PRO B 361 7.82 0.81 9.86
CA PRO B 361 7.16 -0.49 10.01
C PRO B 361 6.01 -0.87 9.06
N ASN B 362 5.57 -0.01 8.14
CA ASN B 362 4.24 -0.21 7.50
C ASN B 362 4.29 -0.27 5.96
N PHE B 363 5.19 0.45 5.30
CA PHE B 363 5.11 0.72 3.83
C PHE B 363 6.08 -0.13 3.02
N THR B 364 5.56 -0.70 1.92
CA THR B 364 6.27 -1.48 0.88
C THR B 364 6.97 -0.52 -0.07
N SER B 365 8.27 -0.69 -0.27
CA SER B 365 9.09 0.19 -1.15
C SER B 365 9.06 -0.35 -2.57
N SER B 366 8.89 0.51 -3.56
CA SER B 366 9.07 0.23 -4.99
C SER B 366 10.50 0.65 -5.36
N PHE B 367 11.49 -0.13 -4.91
CA PHE B 367 12.93 0.27 -4.92
C PHE B 367 13.43 0.30 -6.36
N HIS B 368 14.11 1.39 -6.70
CA HIS B 368 14.53 1.71 -8.08
C HIS B 368 15.73 2.65 -8.01
N VAL B 369 16.65 2.52 -8.96
CA VAL B 369 17.83 3.43 -9.05
C VAL B 369 17.70 4.13 -10.39
N ILE B 370 17.43 5.44 -10.36
CA ILE B 370 17.22 6.26 -11.59
C ILE B 370 18.54 6.23 -12.37
N GLY B 371 18.46 5.86 -13.65
CA GLY B 371 19.62 5.82 -14.58
C GLY B 371 20.29 4.44 -14.64
N GLU B 372 19.82 3.48 -13.84
CA GLU B 372 20.32 2.08 -13.82
C GLU B 372 19.16 1.09 -13.96
N ILE B 373 19.53 -0.14 -14.32
CA ILE B 373 18.66 -1.33 -14.43
C ILE B 373 19.32 -2.40 -13.57
N PHE B 374 18.54 -3.17 -12.84
CA PHE B 374 19.07 -4.24 -11.97
C PHE B 374 19.45 -5.42 -12.86
N ASP B 375 20.74 -5.78 -12.90
CA ASP B 375 21.19 -6.96 -13.66
C ASP B 375 20.53 -8.18 -13.02
N HIS B 376 20.62 -8.26 -11.70
CA HIS B 376 20.07 -9.36 -10.86
C HIS B 376 19.23 -8.76 -9.72
N VAL B 377 18.06 -9.36 -9.46
CA VAL B 377 17.20 -9.06 -8.29
C VAL B 377 16.90 -10.38 -7.56
N TYR B 378 17.29 -10.49 -6.30
CA TYR B 378 17.05 -11.70 -5.49
C TYR B 378 15.65 -11.58 -4.92
N ALA B 379 14.66 -12.16 -5.63
CA ALA B 379 13.20 -12.02 -5.35
C ALA B 379 12.90 -12.50 -3.93
N LEU B 380 12.25 -11.64 -3.14
CA LEU B 380 11.78 -11.89 -1.76
C LEU B 380 12.98 -12.19 -0.87
N GLY B 381 14.18 -11.76 -1.31
CA GLY B 381 15.44 -11.96 -0.58
C GLY B 381 15.88 -13.41 -0.58
N SER B 382 15.42 -14.22 -1.55
CA SER B 382 15.90 -15.60 -1.75
C SER B 382 17.30 -15.53 -2.35
N VAL B 383 18.23 -16.12 -1.65
CA VAL B 383 19.67 -16.16 -1.99
C VAL B 383 19.95 -17.52 -2.68
N THR B 384 18.97 -18.42 -2.67
CA THR B 384 19.13 -19.82 -3.18
C THR B 384 18.40 -19.97 -4.51
N SER B 385 17.28 -19.30 -4.72
CA SER B 385 16.52 -19.35 -6.00
C SER B 385 17.17 -18.41 -7.00
N PRO B 386 17.12 -18.73 -8.31
CA PRO B 386 17.82 -17.94 -9.32
C PRO B 386 17.29 -16.51 -9.28
N PRO B 387 18.17 -15.51 -9.31
CA PRO B 387 17.72 -14.13 -9.40
C PRO B 387 17.03 -13.81 -10.73
N LEU B 388 16.11 -12.84 -10.69
CA LEU B 388 15.43 -12.29 -11.88
C LEU B 388 16.40 -11.31 -12.54
N THR B 389 16.22 -11.07 -13.84
CA THR B 389 17.26 -10.38 -14.64
C THR B 389 16.62 -9.22 -15.44
N GLY B 390 17.35 -8.10 -15.54
CA GLY B 390 16.90 -6.94 -16.32
C GLY B 390 15.60 -6.39 -15.76
N VAL B 391 15.65 -5.95 -14.49
CA VAL B 391 14.48 -5.49 -13.67
C VAL B 391 14.67 -4.00 -13.33
N GLN B 392 13.69 -3.16 -13.69
CA GLN B 392 13.68 -1.69 -13.40
C GLN B 392 13.43 -1.42 -11.92
N THR B 393 12.45 -2.11 -11.30
CA THR B 393 11.88 -1.75 -9.97
C THR B 393 11.36 -2.98 -9.23
N VAL B 394 11.67 -3.11 -7.93
CA VAL B 394 11.23 -4.30 -7.13
C VAL B 394 10.49 -3.87 -5.85
N SER B 395 9.29 -4.42 -5.63
CA SER B 395 8.52 -4.31 -4.36
C SER B 395 9.26 -5.04 -3.24
N VAL B 396 9.58 -4.35 -2.16
CA VAL B 396 10.17 -4.93 -0.93
C VAL B 396 9.21 -4.61 0.22
N PRO B 397 8.61 -5.62 0.87
CA PRO B 397 7.67 -5.36 1.95
C PRO B 397 8.40 -4.95 3.22
N PRO B 398 7.69 -4.34 4.20
CA PRO B 398 8.24 -4.17 5.54
C PRO B 398 8.53 -5.56 6.12
N GLY B 399 9.63 -5.70 6.86
CA GLY B 399 10.15 -6.99 7.35
C GLY B 399 10.66 -7.86 6.20
N GLY B 400 10.86 -7.25 5.04
CA GLY B 400 11.44 -7.87 3.85
C GLY B 400 12.75 -7.19 3.46
N ALA B 401 13.58 -7.93 2.71
CA ALA B 401 14.84 -7.41 2.14
C ALA B 401 15.04 -8.10 0.79
N THR B 402 15.93 -7.52 -0.02
CA THR B 402 16.35 -8.05 -1.33
C THR B 402 17.83 -7.72 -1.52
N ILE B 403 18.38 -8.26 -2.60
CA ILE B 403 19.72 -7.95 -3.12
C ILE B 403 19.52 -7.54 -4.57
N VAL B 404 20.10 -6.43 -4.97
CA VAL B 404 20.20 -6.03 -6.40
C VAL B 404 21.67 -5.84 -6.72
N ASP B 405 22.09 -6.15 -7.94
CA ASP B 405 23.44 -5.79 -8.44
C ASP B 405 23.27 -5.27 -9.86
N PHE B 406 24.24 -4.48 -10.29
CA PHE B 406 24.30 -3.92 -11.66
C PHE B 406 25.75 -3.50 -11.89
N LYS B 407 26.13 -3.38 -13.17
CA LYS B 407 27.46 -2.88 -13.57
C LYS B 407 27.30 -1.41 -13.89
N LEU B 408 28.19 -0.60 -13.33
CA LEU B 408 28.28 0.84 -13.66
C LEU B 408 28.98 0.95 -15.00
N ASP B 409 28.19 0.94 -16.07
CA ASP B 409 28.72 1.00 -17.46
C ASP B 409 29.33 2.38 -17.66
N ARG B 410 28.77 3.41 -17.01
CA ARG B 410 29.20 4.81 -17.23
C ARG B 410 28.93 5.68 -15.99
N GLY B 411 29.42 6.91 -16.03
CA GLY B 411 29.41 7.85 -14.88
C GLY B 411 28.08 8.52 -14.71
N GLY B 412 27.91 9.20 -13.57
CA GLY B 412 26.72 10.02 -13.26
C GLY B 412 26.39 9.99 -11.78
N ARG B 413 25.41 10.81 -11.41
CA ARG B 413 24.72 10.72 -10.09
C ARG B 413 23.52 9.79 -10.27
N TYR B 414 23.58 8.58 -9.70
CA TYR B 414 22.47 7.60 -9.76
C TYR B 414 21.63 7.79 -8.51
N VAL B 415 20.31 7.78 -8.65
CA VAL B 415 19.40 8.23 -7.55
C VAL B 415 18.55 7.05 -7.08
N LEU B 416 18.74 6.64 -5.84
CA LEU B 416 17.90 5.63 -5.13
C LEU B 416 16.56 6.27 -4.73
N VAL B 417 15.44 5.62 -5.07
CA VAL B 417 14.06 6.12 -4.75
C VAL B 417 13.16 4.93 -4.39
N ASP B 418 12.11 5.20 -3.63
CA ASP B 418 10.85 4.41 -3.61
C ASP B 418 10.00 5.03 -4.72
N HIS B 419 9.60 4.27 -5.72
CA HIS B 419 8.97 4.84 -6.95
C HIS B 419 7.50 5.17 -6.68
N ALA B 420 7.04 5.02 -5.43
CA ALA B 420 5.85 5.76 -4.91
C ALA B 420 6.33 7.18 -4.62
N LEU B 421 6.39 8.02 -5.67
CA LEU B 421 7.37 9.13 -5.74
C LEU B 421 6.91 10.34 -4.94
N SER B 422 5.68 10.35 -4.43
CA SER B 422 5.27 11.40 -3.46
C SER B 422 6.22 11.31 -2.24
N ARG B 423 6.88 10.18 -2.03
CA ARG B 423 7.76 10.00 -0.86
C ARG B 423 9.07 10.76 -1.05
N LEU B 424 9.38 11.24 -2.26
CA LEU B 424 10.43 12.25 -2.49
C LEU B 424 10.16 13.46 -1.57
N ASP B 425 8.91 13.91 -1.54
CA ASP B 425 8.48 15.13 -0.82
C ASP B 425 8.38 14.84 0.69
N HIS B 426 8.81 13.67 1.18
CA HIS B 426 8.90 13.32 2.63
C HIS B 426 10.30 12.88 3.05
N GLY B 427 11.34 13.15 2.24
CA GLY B 427 12.76 12.94 2.60
C GLY B 427 13.40 11.70 1.97
N LEU B 428 12.68 10.94 1.13
CA LEU B 428 13.15 9.62 0.63
C LEU B 428 13.85 9.76 -0.72
N VAL B 429 15.16 9.93 -0.67
CA VAL B 429 16.02 10.02 -1.89
C VAL B 429 17.47 9.80 -1.44
N GLY B 430 18.24 9.10 -2.28
CA GLY B 430 19.68 8.84 -2.06
C GLY B 430 20.45 9.03 -3.34
N PHE B 431 21.74 9.31 -3.22
CA PHE B 431 22.68 9.49 -4.35
C PHE B 431 23.75 8.37 -4.34
N LEU B 432 23.97 7.81 -5.52
CA LEU B 432 25.15 6.98 -5.87
C LEU B 432 25.99 7.80 -6.84
N ASN B 433 27.11 8.34 -6.34
CA ASN B 433 27.98 9.28 -7.09
C ASN B 433 29.08 8.48 -7.77
N VAL B 434 29.20 8.65 -9.09
CA VAL B 434 30.12 7.88 -9.97
C VAL B 434 30.74 8.84 -10.99
N ASP B 435 32.01 9.24 -10.79
CA ASP B 435 32.78 10.13 -11.70
C ASP B 435 32.94 9.50 -13.09
N GLY B 436 32.77 10.32 -14.14
CA GLY B 436 32.94 9.94 -15.55
C GLY B 436 32.47 11.08 -16.46
N PRO B 437 32.74 11.06 -17.78
CA PRO B 437 32.33 12.16 -18.65
C PRO B 437 30.80 12.32 -18.69
N LYS B 438 30.29 13.52 -19.02
CA LYS B 438 28.84 13.76 -19.22
C LYS B 438 28.37 12.94 -20.43
N ASN B 439 29.10 13.02 -21.55
CA ASN B 439 28.76 12.38 -22.86
C ASN B 439 29.75 11.25 -23.17
N ASP B 440 29.22 10.02 -23.30
CA ASP B 440 29.93 8.84 -23.85
C ASP B 440 28.99 8.13 -24.84
N ALA B 441 29.39 6.95 -25.32
CA ALA B 441 28.69 6.16 -26.36
C ALA B 441 27.36 5.61 -25.82
N ILE B 442 27.22 5.47 -24.49
CA ILE B 442 26.04 4.84 -23.81
C ILE B 442 24.91 5.88 -23.64
N MET B 443 25.24 7.13 -23.33
CA MET B 443 24.26 8.25 -23.28
C MET B 443 24.97 9.59 -23.49
N HIS B 444 24.46 10.42 -24.41
CA HIS B 444 25.05 11.76 -24.75
C HIS B 444 23.99 12.70 -25.32
N GLU B 445 24.34 14.00 -25.41
CA GLU B 445 23.49 15.15 -25.77
C GLU B 445 22.96 15.11 -27.22
N GLY B 446 23.81 15.18 -28.25
CA GLY B 446 23.34 15.34 -29.65
C GLY B 446 22.72 14.05 -30.18
N PRO B 447 22.48 13.94 -31.52
CA PRO B 447 22.21 12.65 -32.17
C PRO B 447 23.50 11.85 -32.38
N PRO B 448 23.50 10.62 -32.95
CA PRO B 448 24.73 9.86 -33.17
C PRO B 448 25.29 10.01 -34.59
N SER C 26 -23.19 -3.15 -20.98
CA SER C 26 -22.56 -2.88 -19.65
C SER C 26 -23.30 -3.68 -18.56
N HIS C 27 -22.55 -4.29 -17.64
CA HIS C 27 -23.04 -4.73 -16.31
C HIS C 27 -22.63 -3.69 -15.27
N ALA C 28 -21.84 -2.69 -15.68
CA ALA C 28 -21.28 -1.57 -14.89
C ALA C 28 -22.38 -0.86 -14.09
N PRO C 29 -22.39 -0.91 -12.73
CA PRO C 29 -23.57 -0.49 -11.99
C PRO C 29 -23.73 1.05 -12.05
N VAL C 30 -24.97 1.53 -12.20
CA VAL C 30 -25.33 2.96 -11.96
C VAL C 30 -25.38 3.17 -10.44
N VAL C 31 -24.54 4.05 -9.90
CA VAL C 31 -24.44 4.25 -8.42
C VAL C 31 -25.07 5.60 -8.00
N PHE C 32 -25.80 5.55 -6.90
CA PHE C 32 -26.41 6.70 -6.20
C PHE C 32 -26.03 6.60 -4.71
N THR C 33 -25.53 7.69 -4.15
CA THR C 33 -25.26 7.82 -2.68
C THR C 33 -26.34 8.72 -2.04
N LEU C 34 -27.01 8.22 -1.00
CA LEU C 34 -28.01 8.98 -0.23
C LEU C 34 -27.51 9.14 1.21
N ARG C 35 -27.54 10.37 1.72
CA ARG C 35 -27.32 10.70 3.15
C ARG C 35 -28.69 11.07 3.74
N THR C 36 -29.05 10.46 4.86
CA THR C 36 -30.26 10.84 5.63
C THR C 36 -29.99 12.20 6.29
N GLY C 37 -31.04 13.01 6.48
CA GLY C 37 -30.92 14.26 7.27
C GLY C 37 -32.23 14.99 7.39
N ILE C 38 -32.12 16.29 7.66
CA ILE C 38 -33.24 17.27 7.82
C ILE C 38 -33.04 18.36 6.76
N ALA C 39 -34.02 18.54 5.88
CA ALA C 39 -34.00 19.59 4.84
C ALA C 39 -35.45 19.92 4.50
N GLU C 40 -35.70 21.19 4.13
CA GLU C 40 -37.06 21.67 3.74
C GLU C 40 -38.07 21.25 4.82
N GLY C 41 -37.66 21.34 6.10
CA GLY C 41 -38.54 21.17 7.28
C GLY C 41 -38.99 19.73 7.49
N ARG C 42 -38.34 18.78 6.82
CA ARG C 42 -38.71 17.33 6.84
C ARG C 42 -37.48 16.46 7.08
N MET C 43 -37.70 15.24 7.55
CA MET C 43 -36.67 14.17 7.60
C MET C 43 -36.64 13.50 6.23
N VAL C 44 -35.50 13.59 5.53
CA VAL C 44 -35.40 13.26 4.08
C VAL C 44 -34.13 12.45 3.77
N TYR C 45 -34.05 12.02 2.51
CA TYR C 45 -32.80 11.57 1.87
C TYR C 45 -32.23 12.79 1.14
N ILE C 46 -30.92 12.97 1.22
CA ILE C 46 -30.18 14.01 0.46
C ILE C 46 -29.16 13.32 -0.45
N GLY C 47 -29.16 13.67 -1.74
CA GLY C 47 -28.21 13.15 -2.74
C GLY C 47 -26.80 13.62 -2.45
N VAL C 48 -25.82 12.74 -2.69
CA VAL C 48 -24.35 13.01 -2.51
C VAL C 48 -23.66 12.69 -3.83
N GLY C 49 -22.98 13.69 -4.41
CA GLY C 49 -22.21 13.62 -5.66
C GLY C 49 -23.08 13.34 -6.86
N GLY C 50 -22.46 13.29 -8.04
CA GLY C 50 -23.12 12.95 -9.31
C GLY C 50 -24.13 14.00 -9.71
N ASP C 51 -25.21 13.56 -10.37
CA ASP C 51 -26.27 14.44 -10.90
C ASP C 51 -27.29 14.74 -9.80
N ILE C 52 -27.06 14.26 -8.58
CA ILE C 52 -28.08 14.37 -7.48
C ILE C 52 -27.51 15.11 -6.27
N ASP C 53 -26.34 15.76 -6.39
CA ASP C 53 -25.64 16.35 -5.21
C ASP C 53 -26.58 17.38 -4.55
N ARG C 54 -26.82 17.23 -3.25
CA ARG C 54 -27.50 18.21 -2.36
C ARG C 54 -29.00 18.29 -2.65
N GLN C 55 -29.53 17.54 -3.61
CA GLN C 55 -30.99 17.47 -3.88
C GLN C 55 -31.67 16.66 -2.77
N VAL C 56 -32.86 17.05 -2.36
CA VAL C 56 -33.57 16.32 -1.28
C VAL C 56 -34.52 15.35 -1.96
N ASN C 57 -34.61 14.13 -1.43
CA ASN C 57 -35.41 13.02 -2.02
C ASN C 57 -35.22 13.01 -3.53
N PRO C 58 -33.96 12.90 -4.03
CA PRO C 58 -33.68 13.04 -5.46
C PRO C 58 -34.35 11.94 -6.27
N LYS C 59 -34.79 12.30 -7.48
CA LYS C 59 -35.25 11.31 -8.48
C LYS C 59 -34.01 10.56 -8.98
N LEU C 60 -34.02 9.24 -8.86
CA LEU C 60 -32.93 8.34 -9.35
C LEU C 60 -33.33 7.82 -10.73
N VAL C 61 -32.78 8.44 -11.79
CA VAL C 61 -33.11 8.06 -13.20
C VAL C 61 -32.16 6.95 -13.65
N VAL C 62 -32.74 5.82 -14.01
CA VAL C 62 -32.01 4.60 -14.48
C VAL C 62 -32.71 4.10 -15.73
N HIS C 63 -31.97 3.43 -16.61
CA HIS C 63 -32.49 2.88 -17.90
C HIS C 63 -32.76 1.38 -17.71
N GLU C 64 -33.84 0.90 -18.31
CA GLU C 64 -34.29 -0.53 -18.25
C GLU C 64 -33.08 -1.46 -18.35
N GLY C 65 -32.98 -2.44 -17.46
CA GLY C 65 -31.94 -3.48 -17.50
C GLY C 65 -30.62 -3.03 -16.88
N GLU C 66 -30.48 -1.76 -16.46
CA GLU C 66 -29.23 -1.35 -15.77
C GLU C 66 -29.21 -1.99 -14.38
N THR C 67 -28.00 -2.25 -13.87
CA THR C 67 -27.75 -2.64 -12.46
C THR C 67 -27.62 -1.36 -11.65
N VAL C 68 -28.35 -1.30 -10.55
CA VAL C 68 -28.43 -0.08 -9.68
C VAL C 68 -27.80 -0.41 -8.34
N GLN C 69 -26.83 0.41 -7.93
CA GLN C 69 -26.20 0.37 -6.59
C GLN C 69 -26.63 1.65 -5.87
N ILE C 70 -27.25 1.51 -4.71
CA ILE C 70 -27.64 2.63 -3.82
C ILE C 70 -26.83 2.48 -2.54
N ASN C 71 -25.98 3.46 -2.25
CA ASN C 71 -25.22 3.56 -0.96
C ASN C 71 -26.00 4.45 0.01
N LEU C 72 -26.53 3.88 1.10
CA LEU C 72 -27.21 4.67 2.17
C LEU C 72 -26.21 4.98 3.27
N ILE C 73 -26.07 6.27 3.60
CA ILE C 73 -25.20 6.77 4.71
C ILE C 73 -26.07 7.57 5.67
N ASN C 74 -26.04 7.18 6.95
CA ASN C 74 -26.74 7.87 8.07
C ASN C 74 -26.11 9.24 8.30
N GLY C 75 -26.88 10.32 8.16
CA GLY C 75 -26.41 11.71 8.34
C GLY C 75 -26.56 12.19 9.78
N GLU C 76 -27.76 12.05 10.37
CA GLU C 76 -28.15 12.78 11.61
C GLU C 76 -28.29 11.85 12.83
N GLY C 77 -28.46 10.54 12.67
CA GLY C 77 -28.26 9.58 13.78
C GLY C 77 -29.53 8.90 14.24
N ALA C 78 -30.62 8.99 13.48
CA ALA C 78 -31.83 8.16 13.73
C ALA C 78 -31.66 6.84 12.99
N GLN C 79 -32.54 5.87 13.21
CA GLN C 79 -32.49 4.58 12.48
C GLN C 79 -33.15 4.79 11.11
N HIS C 80 -32.52 4.26 10.06
CA HIS C 80 -32.94 4.41 8.64
C HIS C 80 -32.61 3.15 7.84
N ASP C 81 -33.46 2.88 6.87
CA ASP C 81 -33.12 2.06 5.69
C ASP C 81 -33.68 2.78 4.45
N ALA C 82 -33.48 2.16 3.28
CA ALA C 82 -34.16 2.51 2.02
C ALA C 82 -34.76 1.22 1.48
N VAL C 83 -36.00 1.27 1.04
CA VAL C 83 -36.77 0.10 0.54
C VAL C 83 -37.39 0.47 -0.81
N ILE C 84 -37.35 -0.47 -1.75
CA ILE C 84 -38.06 -0.39 -3.07
C ILE C 84 -38.87 -1.68 -3.21
N ASP C 85 -40.20 -1.58 -3.12
CA ASP C 85 -41.07 -2.77 -2.89
C ASP C 85 -41.03 -3.69 -4.12
N GLN C 86 -41.15 -3.10 -5.31
CA GLN C 86 -41.44 -3.80 -6.59
C GLN C 86 -40.20 -4.60 -7.02
N TYR C 87 -39.05 -4.31 -6.40
CA TYR C 87 -37.74 -4.96 -6.66
C TYR C 87 -37.32 -5.79 -5.44
N ALA C 88 -38.16 -5.91 -4.43
CA ALA C 88 -37.80 -6.57 -3.15
C ALA C 88 -36.36 -6.21 -2.77
N ALA C 89 -35.94 -4.98 -3.03
CA ALA C 89 -34.59 -4.45 -2.76
C ALA C 89 -34.63 -3.57 -1.51
N ARG C 90 -33.71 -3.75 -0.58
CA ARG C 90 -33.60 -2.84 0.60
C ARG C 90 -32.16 -2.81 1.11
N SER C 91 -31.79 -1.70 1.74
CA SER C 91 -30.58 -1.58 2.58
C SER C 91 -30.82 -2.34 3.88
N ALA C 92 -29.76 -2.52 4.67
CA ALA C 92 -29.84 -2.83 6.11
C ALA C 92 -30.30 -1.56 6.85
N ILE C 93 -30.73 -1.70 8.10
CA ILE C 93 -30.96 -0.55 9.02
C ILE C 93 -29.60 0.03 9.44
N VAL C 94 -29.38 1.32 9.22
CA VAL C 94 -28.17 2.05 9.69
C VAL C 94 -28.57 2.93 10.88
N SER C 95 -27.87 2.83 12.01
CA SER C 95 -28.30 3.41 13.31
C SER C 95 -27.51 4.68 13.66
N GLY C 96 -26.19 4.61 13.78
CA GLY C 96 -25.37 5.76 14.15
C GLY C 96 -25.05 6.66 12.97
N LYS C 97 -24.53 7.84 13.25
CA LYS C 97 -24.02 8.78 12.23
C LYS C 97 -22.89 8.08 11.48
N ASN C 98 -22.91 8.16 10.14
CA ASN C 98 -21.90 7.60 9.19
C ASN C 98 -22.12 6.10 8.93
N ALA C 99 -22.97 5.41 9.70
CA ALA C 99 -23.34 4.00 9.47
C ALA C 99 -23.91 3.89 8.06
N SER C 100 -23.43 2.90 7.30
CA SER C 100 -23.70 2.76 5.84
C SER C 100 -24.21 1.36 5.51
N SER C 101 -24.99 1.28 4.43
CA SER C 101 -25.45 0.01 3.85
C SER C 101 -25.65 0.24 2.36
N THR C 102 -24.99 -0.58 1.54
CA THR C 102 -25.16 -0.55 0.08
C THR C 102 -25.97 -1.79 -0.30
N PHE C 103 -26.80 -1.65 -1.32
CA PHE C 103 -27.65 -2.71 -1.92
C PHE C 103 -27.72 -2.47 -3.42
N SER C 104 -28.03 -3.52 -4.18
CA SER C 104 -28.13 -3.41 -5.65
C SER C 104 -29.26 -4.31 -6.16
N PHE C 105 -29.61 -4.13 -7.41
CA PHE C 105 -30.71 -4.83 -8.09
C PHE C 105 -30.62 -4.47 -9.56
N ILE C 106 -31.31 -5.23 -10.41
CA ILE C 106 -31.41 -4.97 -11.86
C ILE C 106 -32.71 -4.20 -12.10
N ALA C 107 -32.63 -3.03 -12.73
CA ALA C 107 -33.80 -2.20 -13.07
C ALA C 107 -34.53 -2.83 -14.26
N SER C 108 -35.18 -3.97 -14.03
CA SER C 108 -35.81 -4.85 -15.04
C SER C 108 -37.18 -4.33 -15.49
N LYS C 109 -37.87 -3.54 -14.65
CA LYS C 109 -39.24 -3.03 -14.93
C LYS C 109 -39.21 -1.51 -15.10
N VAL C 110 -39.67 -1.01 -16.26
CA VAL C 110 -39.87 0.44 -16.57
C VAL C 110 -40.96 0.98 -15.65
N GLY C 111 -40.88 2.26 -15.30
CA GLY C 111 -41.92 2.96 -14.51
C GLY C 111 -41.33 3.76 -13.37
N GLN C 112 -42.17 4.13 -12.41
CA GLN C 112 -41.76 4.95 -11.23
C GLN C 112 -42.04 4.13 -9.97
N PHE C 113 -41.08 4.09 -9.06
CA PHE C 113 -41.07 3.22 -7.86
C PHE C 113 -40.57 4.04 -6.68
N ASP C 114 -41.29 4.02 -5.56
CA ASP C 114 -40.90 4.74 -4.33
C ASP C 114 -39.72 4.01 -3.70
N TYR C 115 -38.66 4.75 -3.42
CA TYR C 115 -37.69 4.38 -2.36
C TYR C 115 -38.10 5.14 -1.10
N TYR C 116 -38.13 4.46 0.04
CA TYR C 116 -38.63 5.01 1.31
C TYR C 116 -37.97 4.32 2.50
N CYS C 117 -38.03 4.97 3.66
CA CYS C 117 -37.55 4.42 4.94
C CYS C 117 -38.73 3.70 5.61
N SER C 118 -38.51 2.49 6.10
CA SER C 118 -39.59 1.65 6.69
C SER C 118 -39.64 1.84 8.20
N LEU C 119 -38.70 2.59 8.80
CA LEU C 119 -38.72 2.81 10.27
C LEU C 119 -40.02 3.55 10.69
N PRO C 120 -40.57 3.28 11.87
CA PRO C 120 -41.87 3.84 12.26
C PRO C 120 -41.96 5.35 12.05
N GLY C 121 -42.89 5.76 11.20
CA GLY C 121 -43.20 7.17 10.96
C GLY C 121 -42.26 7.88 9.98
N HIS C 122 -41.12 7.30 9.60
CA HIS C 122 -40.04 8.04 8.88
C HIS C 122 -40.53 8.38 7.48
N ARG C 123 -41.36 7.53 6.87
CA ARG C 123 -41.89 7.77 5.51
C ARG C 123 -42.85 8.96 5.57
N GLN C 124 -43.82 8.90 6.49
CA GLN C 124 -44.76 10.01 6.81
C GLN C 124 -43.96 11.31 7.05
N ALA C 125 -42.83 11.24 7.76
CA ALA C 125 -42.01 12.41 8.14
C ALA C 125 -41.27 13.03 6.95
N GLY C 126 -41.23 12.33 5.80
CA GLY C 126 -40.67 12.84 4.53
C GLY C 126 -39.66 11.91 3.84
N MET C 127 -39.29 10.78 4.44
CA MET C 127 -38.22 9.91 3.87
C MET C 127 -38.79 9.07 2.72
N GLN C 128 -38.83 9.65 1.53
CA GLN C 128 -39.44 9.01 0.33
C GLN C 128 -39.07 9.79 -0.94
N GLY C 129 -38.57 9.08 -1.97
CA GLY C 129 -38.28 9.61 -3.31
C GLY C 129 -38.71 8.61 -4.36
N VAL C 130 -38.53 8.96 -5.64
CA VAL C 130 -38.91 8.04 -6.75
C VAL C 130 -37.64 7.58 -7.47
N LEU C 131 -37.58 6.28 -7.73
CA LEU C 131 -36.73 5.63 -8.74
C LEU C 131 -37.47 5.69 -10.07
N GLN C 132 -36.93 6.35 -11.09
CA GLN C 132 -37.53 6.32 -12.45
C GLN C 132 -36.70 5.43 -13.36
N VAL C 133 -37.30 4.32 -13.80
CA VAL C 133 -36.73 3.35 -14.78
C VAL C 133 -37.34 3.65 -16.16
N VAL C 134 -36.50 4.15 -17.07
CA VAL C 134 -36.87 4.71 -18.40
C VAL C 134 -36.49 3.69 -19.46
N PRO C 135 -37.30 3.51 -20.53
CA PRO C 135 -36.94 2.57 -21.59
C PRO C 135 -35.73 3.08 -22.38
N GLY C 136 -35.04 2.17 -23.06
CA GLY C 136 -33.95 2.52 -23.98
C GLY C 136 -32.62 2.72 -23.26
N ASN C 137 -31.55 2.82 -24.03
CA ASN C 137 -30.15 2.87 -23.55
C ASN C 137 -29.81 4.30 -23.13
N ARG C 138 -29.09 4.43 -22.03
CA ARG C 138 -28.51 5.71 -21.53
C ARG C 138 -27.66 6.34 -22.65
N ALA C 139 -27.93 7.59 -23.03
CA ALA C 139 -27.05 8.39 -23.93
C ALA C 139 -25.74 8.75 -23.19
N GLU C 140 -24.63 8.89 -23.92
CA GLU C 140 -23.36 9.41 -23.33
C GLU C 140 -23.37 10.93 -23.44
N MET C 141 -22.86 11.64 -22.45
CA MET C 141 -22.82 13.12 -22.45
C MET C 141 -21.79 13.58 -23.48
N PRO C 142 -22.17 14.37 -24.51
CA PRO C 142 -21.17 14.93 -25.44
C PRO C 142 -19.99 15.56 -24.67
N SER C 143 -18.77 15.18 -25.00
CA SER C 143 -17.56 15.64 -24.29
C SER C 143 -17.29 17.11 -24.59
N THR C 144 -16.54 17.76 -23.71
CA THR C 144 -16.21 19.21 -23.69
C THR C 144 -14.75 19.40 -24.03
N ALA C 145 -13.89 18.46 -23.61
CA ALA C 145 -12.42 18.51 -23.74
C ALA C 145 -11.94 17.37 -24.65
N ALA C 146 -10.66 17.43 -25.05
CA ALA C 146 -9.99 16.42 -25.90
C ALA C 146 -10.12 15.04 -25.24
N ASP C 147 -10.32 14.00 -26.05
CA ASP C 147 -10.17 12.58 -25.62
C ASP C 147 -8.68 12.32 -25.44
N ILE C 148 -8.21 12.11 -24.20
CA ILE C 148 -6.76 11.89 -23.87
C ILE C 148 -6.48 10.40 -23.60
N THR C 149 -7.47 9.53 -23.77
CA THR C 149 -7.33 8.07 -23.55
C THR C 149 -6.58 7.45 -24.74
N ARG C 150 -5.42 6.85 -24.46
CA ARG C 150 -4.70 5.92 -25.37
C ARG C 150 -5.55 4.68 -25.65
N ASP C 151 -5.86 4.41 -26.91
CA ASP C 151 -6.53 3.12 -27.26
C ASP C 151 -5.58 2.01 -26.83
N PRO C 152 -6.05 0.92 -26.19
CA PRO C 152 -5.14 -0.14 -25.75
C PRO C 152 -4.54 -0.95 -26.91
N ALA C 153 -5.11 -0.83 -28.11
CA ALA C 153 -4.63 -1.46 -29.37
C ALA C 153 -3.63 -0.53 -30.08
N ASP C 154 -3.43 0.69 -29.60
CA ASP C 154 -2.52 1.68 -30.24
C ASP C 154 -1.09 1.43 -29.73
N LEU C 155 -0.42 0.41 -30.29
CA LEU C 155 1.03 0.13 -30.11
C LEU C 155 1.60 -0.53 -31.36
N PRO C 156 2.90 -0.36 -31.65
CA PRO C 156 3.58 -1.14 -32.69
C PRO C 156 3.55 -2.64 -32.38
N GLY C 157 3.37 -3.48 -33.40
CA GLY C 157 3.48 -4.95 -33.31
C GLY C 157 4.92 -5.43 -33.16
N PRO C 158 5.16 -6.76 -33.02
CA PRO C 158 6.52 -7.30 -32.91
C PRO C 158 7.43 -6.73 -34.00
N ILE C 159 8.65 -6.33 -33.64
CA ILE C 159 9.72 -6.00 -34.61
C ILE C 159 10.06 -7.30 -35.36
N GLY C 160 10.24 -7.24 -36.68
CA GLY C 160 10.79 -8.41 -37.40
C GLY C 160 12.07 -8.89 -36.74
N ALA C 161 12.54 -10.09 -37.02
CA ALA C 161 13.98 -10.41 -36.86
C ALA C 161 14.74 -9.43 -37.75
N ARG C 162 15.78 -8.78 -37.23
CA ARG C 162 16.58 -7.75 -37.93
C ARG C 162 17.79 -7.44 -37.05
N GLN C 163 18.79 -6.78 -37.61
CA GLN C 163 20.01 -6.39 -36.86
C GLN C 163 19.66 -5.18 -35.97
N ALA C 164 20.36 -5.05 -34.84
CA ALA C 164 20.44 -3.79 -34.06
C ALA C 164 20.66 -2.65 -35.04
N LYS C 165 20.12 -1.46 -34.75
CA LYS C 165 20.28 -0.26 -35.61
C LYS C 165 20.00 1.01 -34.79
N THR C 166 20.21 2.16 -35.40
CA THR C 166 19.83 3.49 -34.87
C THR C 166 18.34 3.70 -35.14
N VAL C 167 17.56 3.98 -34.08
CA VAL C 167 16.09 4.25 -34.13
C VAL C 167 15.84 5.68 -33.61
N ARG C 168 15.25 6.54 -34.44
CA ARG C 168 14.84 7.92 -34.04
C ARG C 168 13.43 7.83 -33.46
N ILE C 169 13.27 8.33 -32.23
CA ILE C 169 11.96 8.44 -31.54
C ILE C 169 11.67 9.93 -31.31
N ASP C 170 10.46 10.37 -31.68
CA ASP C 170 9.98 11.75 -31.48
C ASP C 170 8.87 11.76 -30.42
N LEU C 171 9.11 12.44 -29.30
CA LEU C 171 8.10 12.73 -28.25
C LEU C 171 7.84 14.23 -28.19
N GLU C 172 6.57 14.61 -28.03
CA GLU C 172 6.12 16.00 -27.78
C GLU C 172 5.36 16.06 -26.45
N THR C 173 5.80 16.93 -25.54
CA THR C 173 5.14 17.15 -24.23
C THR C 173 4.08 18.24 -24.44
N VAL C 174 2.81 17.87 -24.22
CA VAL C 174 1.61 18.73 -24.45
C VAL C 174 0.78 18.81 -23.16
N GLU C 175 0.53 20.04 -22.69
CA GLU C 175 -0.40 20.34 -21.57
C GLU C 175 -1.75 20.66 -22.19
N LEU C 176 -2.82 19.99 -21.75
CA LEU C 176 -4.15 20.17 -22.39
C LEU C 176 -5.24 19.64 -21.47
N LYS C 177 -6.44 20.23 -21.58
CA LYS C 177 -7.66 19.80 -20.87
C LYS C 177 -8.13 18.52 -21.52
N GLY C 178 -8.50 17.54 -20.70
CA GLY C 178 -8.97 16.22 -21.14
C GLY C 178 -10.27 15.86 -20.45
N GLN C 179 -11.05 14.97 -21.06
CA GLN C 179 -12.32 14.46 -20.51
C GLN C 179 -11.99 13.36 -19.49
N LEU C 180 -11.90 13.72 -18.20
CA LEU C 180 -11.58 12.80 -17.08
C LEU C 180 -12.77 11.85 -16.85
N ASP C 181 -13.99 12.37 -16.94
CA ASP C 181 -15.23 11.57 -16.79
C ASP C 181 -16.28 12.23 -17.69
N ASP C 182 -17.47 11.64 -17.75
CA ASP C 182 -18.67 11.99 -18.55
C ASP C 182 -18.91 13.52 -18.62
N LYS C 183 -18.88 14.20 -17.47
CA LYS C 183 -19.20 15.66 -17.34
C LYS C 183 -18.11 16.38 -16.54
N THR C 184 -16.90 15.83 -16.50
CA THR C 184 -15.80 16.36 -15.66
C THR C 184 -14.51 16.38 -16.46
N THR C 185 -13.77 17.48 -16.34
CA THR C 185 -12.52 17.75 -17.08
C THR C 185 -11.39 17.92 -16.08
N TYR C 186 -10.15 18.01 -16.59
CA TYR C 186 -8.89 18.07 -15.81
C TYR C 186 -7.82 18.52 -16.79
N THR C 187 -6.78 19.17 -16.31
CA THR C 187 -5.64 19.62 -17.13
C THR C 187 -4.58 18.53 -17.04
N TYR C 188 -4.49 17.74 -18.12
CA TYR C 188 -3.49 16.67 -18.30
C TYR C 188 -2.20 17.29 -18.83
N TRP C 189 -1.08 16.74 -18.36
CA TRP C 189 0.26 16.83 -19.00
C TRP C 189 0.58 15.46 -19.62
N THR C 190 1.00 15.44 -20.89
CA THR C 190 1.11 14.18 -21.68
C THR C 190 2.35 14.17 -22.57
N PHE C 191 2.73 12.96 -22.98
CA PHE C 191 3.53 12.71 -24.20
C PHE C 191 2.52 12.51 -25.34
N ASN C 192 2.49 13.44 -26.29
CA ASN C 192 1.75 13.33 -27.57
C ASN C 192 0.24 13.32 -27.33
N GLY C 193 -0.21 14.04 -26.30
CA GLY C 193 -1.62 14.39 -26.11
C GLY C 193 -2.49 13.22 -25.66
N LYS C 194 -1.89 12.14 -25.12
CA LYS C 194 -2.64 10.94 -24.67
C LYS C 194 -1.97 10.30 -23.45
N VAL C 195 -2.74 9.48 -22.72
CA VAL C 195 -2.30 8.83 -21.46
C VAL C 195 -2.71 7.37 -21.54
N PRO C 196 -1.76 6.41 -21.50
CA PRO C 196 -0.32 6.71 -21.44
C PRO C 196 0.27 7.25 -22.75
N GLY C 197 1.53 7.69 -22.69
CA GLY C 197 2.30 8.15 -23.86
C GLY C 197 2.47 7.05 -24.91
N PRO C 198 3.12 7.35 -26.06
CA PRO C 198 3.32 6.34 -27.11
C PRO C 198 4.02 5.10 -26.55
N PHE C 199 3.61 3.92 -26.99
CA PHE C 199 4.32 2.63 -26.76
C PHE C 199 5.58 2.61 -27.64
N LEU C 200 6.75 2.66 -27.02
CA LEU C 200 8.06 2.63 -27.70
C LEU C 200 8.56 1.18 -27.73
N ARG C 201 8.92 0.70 -28.92
CA ARG C 201 9.30 -0.71 -29.19
C ARG C 201 10.61 -0.70 -29.98
N VAL C 202 11.68 -1.16 -29.35
CA VAL C 202 13.01 -1.31 -29.98
C VAL C 202 13.53 -2.73 -29.70
N ARG C 203 14.69 -3.06 -30.28
CA ARG C 203 15.38 -4.34 -30.11
C ARG C 203 16.59 -4.06 -29.21
N VAL C 204 16.95 -4.95 -28.28
CA VAL C 204 18.20 -4.79 -27.49
C VAL C 204 19.35 -4.57 -28.47
N GLY C 205 20.33 -3.75 -28.08
CA GLY C 205 21.47 -3.36 -28.93
C GLY C 205 21.18 -2.11 -29.75
N ASP C 206 19.91 -1.80 -30.02
CA ASP C 206 19.51 -0.57 -30.77
C ASP C 206 20.13 0.67 -30.11
N THR C 207 20.45 1.67 -30.94
CA THR C 207 20.82 3.04 -30.51
C THR C 207 19.60 3.94 -30.72
N VAL C 208 19.07 4.52 -29.63
CA VAL C 208 17.83 5.37 -29.64
C VAL C 208 18.27 6.83 -29.71
N GLU C 209 17.85 7.50 -30.79
CA GLU C 209 18.01 8.95 -31.02
C GLU C 209 16.68 9.61 -30.65
N LEU C 210 16.60 10.09 -29.41
CA LEU C 210 15.34 10.63 -28.84
C LEU C 210 15.31 12.14 -29.03
N HIS C 211 14.27 12.62 -29.71
CA HIS C 211 13.92 14.05 -29.82
C HIS C 211 12.73 14.33 -28.89
N LEU C 212 12.90 15.18 -27.87
CA LEU C 212 11.77 15.67 -27.03
C LEU C 212 11.49 17.15 -27.39
N LYS C 213 10.34 17.39 -28.04
CA LYS C 213 9.76 18.73 -28.35
C LYS C 213 8.74 19.08 -27.25
N ASN C 214 8.98 20.12 -26.44
CA ASN C 214 8.00 20.70 -25.47
C ASN C 214 7.16 21.75 -26.19
N ALA C 215 5.85 21.54 -26.30
CA ALA C 215 4.92 22.42 -27.04
C ALA C 215 5.10 23.87 -26.55
N LYS C 216 4.92 24.83 -27.47
CA LYS C 216 4.98 26.31 -27.30
C LYS C 216 4.08 26.74 -26.13
N ASP C 217 2.91 26.12 -26.01
CA ASP C 217 1.82 26.57 -25.09
C ASP C 217 1.97 25.88 -23.73
N SER C 218 3.04 25.17 -23.46
CA SER C 218 3.30 24.56 -22.14
C SER C 218 3.70 25.66 -21.15
N LEU C 219 3.20 25.60 -19.91
CA LEU C 219 3.69 26.46 -18.82
C LEU C 219 4.96 25.84 -18.24
N MET C 220 5.05 24.52 -18.21
CA MET C 220 6.13 23.83 -17.45
C MET C 220 7.23 23.33 -18.38
N ILE C 221 8.45 23.31 -17.86
CA ILE C 221 9.57 22.46 -18.37
C ILE C 221 9.08 21.00 -18.34
N HIS C 222 9.41 20.20 -19.35
CA HIS C 222 9.18 18.74 -19.36
C HIS C 222 10.47 17.99 -19.72
N SER C 223 10.48 16.69 -19.44
CA SER C 223 11.67 15.81 -19.57
C SER C 223 11.21 14.36 -19.77
N VAL C 224 12.16 13.43 -19.84
CA VAL C 224 11.83 11.98 -19.84
C VAL C 224 12.98 11.20 -19.21
N ASP C 225 12.61 10.29 -18.32
CA ASP C 225 13.44 9.23 -17.70
C ASP C 225 12.86 7.93 -18.26
N PHE C 226 13.66 7.16 -19.00
CA PHE C 226 13.35 5.77 -19.43
C PHE C 226 14.03 4.78 -18.47
N HIS C 227 13.25 3.86 -17.89
CA HIS C 227 13.78 2.84 -16.95
C HIS C 227 14.69 1.88 -17.72
N GLY C 228 14.63 1.89 -19.06
CA GLY C 228 15.46 1.05 -19.95
C GLY C 228 16.69 1.75 -20.50
N ALA C 229 17.04 2.94 -20.00
CA ALA C 229 18.26 3.70 -20.39
C ALA C 229 19.23 3.74 -19.22
N THR C 230 20.53 3.70 -19.52
CA THR C 230 21.63 3.65 -18.53
C THR C 230 22.42 4.96 -18.57
N GLY C 231 22.43 5.72 -17.47
CA GLY C 231 23.10 7.03 -17.36
C GLY C 231 22.21 8.09 -16.70
N PRO C 232 22.75 9.30 -16.43
CA PRO C 232 22.07 10.31 -15.61
C PRO C 232 20.56 10.45 -15.86
N GLY C 233 19.78 10.21 -14.80
CA GLY C 233 18.32 10.46 -14.77
C GLY C 233 17.54 9.59 -15.74
N GLY C 234 18.15 8.52 -16.26
CA GLY C 234 17.56 7.67 -17.31
C GLY C 234 17.25 8.47 -18.56
N ALA C 235 18.05 9.51 -18.84
CA ALA C 235 17.92 10.47 -19.97
C ALA C 235 17.38 11.84 -19.48
N ALA C 236 16.79 11.89 -18.29
CA ALA C 236 16.18 13.11 -17.69
C ALA C 236 17.20 14.27 -17.64
N ALA C 237 18.45 14.00 -17.29
CA ALA C 237 19.52 15.02 -17.16
C ALA C 237 19.86 15.66 -18.52
N TYR C 238 19.38 15.13 -19.64
CA TYR C 238 19.69 15.62 -21.01
C TYR C 238 18.41 16.17 -21.67
N THR C 239 17.22 15.97 -21.09
CA THR C 239 15.91 16.23 -21.77
C THR C 239 15.05 17.25 -21.02
N GLN C 240 15.61 18.00 -20.07
CA GLN C 240 14.89 19.14 -19.41
C GLN C 240 14.68 20.18 -20.50
N THR C 241 13.47 20.25 -21.05
CA THR C 241 13.15 21.02 -22.28
C THR C 241 12.22 22.20 -21.95
N ASP C 242 12.69 23.44 -22.20
CA ASP C 242 11.84 24.66 -22.02
C ASP C 242 10.68 24.58 -23.00
N PRO C 243 9.55 25.25 -22.72
CA PRO C 243 8.46 25.35 -23.69
C PRO C 243 8.90 25.94 -25.03
N GLY C 244 8.36 25.39 -26.13
CA GLY C 244 8.72 25.78 -27.50
C GLY C 244 10.10 25.30 -27.93
N ALA C 245 10.87 24.63 -27.05
CA ALA C 245 12.26 24.18 -27.27
C ALA C 245 12.29 22.68 -27.55
N GLU C 246 13.48 22.16 -27.87
CA GLU C 246 13.70 20.73 -28.22
C GLU C 246 15.02 20.29 -27.61
N THR C 247 15.03 19.11 -26.98
CA THR C 247 16.27 18.41 -26.57
C THR C 247 16.38 17.15 -27.42
N VAL C 248 17.59 16.72 -27.68
CA VAL C 248 17.90 15.46 -28.39
C VAL C 248 18.89 14.71 -27.50
N VAL C 249 18.60 13.45 -27.15
CA VAL C 249 19.56 12.56 -26.43
C VAL C 249 19.70 11.27 -27.26
N THR C 250 20.87 10.67 -27.30
CA THR C 250 21.07 9.29 -27.84
C THR C 250 21.42 8.38 -26.66
N PHE C 251 20.85 7.17 -26.63
CA PHE C 251 21.19 6.15 -25.61
C PHE C 251 21.05 4.75 -26.22
N LYS C 252 21.86 3.80 -25.74
CA LYS C 252 21.85 2.39 -26.21
C LYS C 252 20.89 1.61 -25.32
N ALA C 253 19.96 0.88 -25.94
CA ALA C 253 19.06 -0.08 -25.26
C ALA C 253 19.88 -1.33 -24.89
N LEU C 254 20.55 -1.32 -23.74
CA LEU C 254 21.49 -2.37 -23.30
C LEU C 254 20.76 -3.59 -22.76
N VAL C 255 19.52 -3.45 -22.29
CA VAL C 255 18.88 -4.54 -21.50
C VAL C 255 17.47 -4.76 -22.01
N PRO C 256 17.08 -6.02 -22.33
CA PRO C 256 15.71 -6.32 -22.70
C PRO C 256 14.84 -6.27 -21.44
N GLY C 257 13.58 -5.91 -21.64
CA GLY C 257 12.63 -5.60 -20.56
C GLY C 257 11.47 -4.76 -21.06
N ILE C 258 10.42 -4.69 -20.23
CA ILE C 258 9.23 -3.82 -20.44
C ILE C 258 9.35 -2.69 -19.40
N PHE C 259 9.70 -1.50 -19.86
CA PHE C 259 10.17 -0.38 -19.00
C PHE C 259 9.11 0.73 -18.97
N VAL C 260 8.75 1.23 -17.80
CA VAL C 260 7.95 2.49 -17.75
C VAL C 260 8.94 3.62 -18.02
N TYR C 261 8.55 4.57 -18.86
CA TYR C 261 9.19 5.90 -18.96
C TYR C 261 8.18 6.93 -18.43
N HIS C 262 8.69 8.04 -17.90
CA HIS C 262 7.88 9.13 -17.28
C HIS C 262 8.68 10.44 -17.37
N CYS C 263 7.97 11.56 -17.31
CA CYS C 263 8.59 12.90 -17.09
C CYS C 263 9.38 12.88 -15.76
N ALA C 264 10.50 13.58 -15.71
CA ALA C 264 11.37 13.69 -14.51
C ALA C 264 11.76 15.15 -14.30
N THR C 265 10.81 16.06 -14.49
CA THR C 265 10.88 17.50 -14.11
C THR C 265 10.13 17.68 -12.78
N PRO C 266 10.74 18.32 -11.76
CA PRO C 266 10.06 18.48 -10.47
C PRO C 266 8.79 19.32 -10.58
N SER C 267 7.72 19.04 -9.81
CA SER C 267 7.51 17.85 -8.99
C SER C 267 7.24 16.67 -9.92
N VAL C 268 8.07 15.65 -9.81
CA VAL C 268 7.95 14.44 -10.67
C VAL C 268 6.60 13.79 -10.38
N PRO C 269 6.21 13.60 -9.10
CA PRO C 269 4.89 13.04 -8.78
C PRO C 269 3.75 13.81 -9.48
N ASN C 270 3.88 15.14 -9.59
CA ASN C 270 2.88 16.04 -10.23
C ASN C 270 2.83 15.73 -11.72
N HIS C 271 3.98 15.77 -12.39
CA HIS C 271 4.11 15.45 -13.84
C HIS C 271 3.54 14.05 -14.10
N ILE C 272 3.75 13.10 -13.19
CA ILE C 272 3.28 11.70 -13.39
C ILE C 272 1.75 11.65 -13.23
N THR C 273 1.18 12.11 -12.11
CA THR C 273 -0.30 12.09 -11.89
C THR C 273 -1.03 12.75 -13.06
N ASN C 274 -0.44 13.80 -13.63
CA ASN C 274 -1.08 14.62 -14.71
C ASN C 274 -1.11 13.85 -16.02
N GLY C 275 -0.24 12.84 -16.18
CA GLY C 275 -0.38 11.79 -17.20
C GLY C 275 0.90 11.48 -17.98
N MET C 276 2.06 11.93 -17.50
CA MET C 276 3.34 11.84 -18.25
C MET C 276 4.04 10.50 -17.90
N TYR C 277 3.45 9.40 -18.38
CA TYR C 277 4.03 8.04 -18.28
C TYR C 277 3.66 7.20 -19.50
N GLY C 278 4.51 6.20 -19.81
CA GLY C 278 4.34 5.25 -20.93
C GLY C 278 5.25 4.05 -20.78
N LEU C 279 5.21 3.14 -21.76
CA LEU C 279 6.02 1.89 -21.76
C LEU C 279 7.00 1.90 -22.94
N LEU C 280 8.24 1.50 -22.65
CA LEU C 280 9.32 1.14 -23.62
C LEU C 280 9.56 -0.36 -23.52
N LEU C 281 9.23 -1.10 -24.58
CA LEU C 281 9.64 -2.54 -24.78
C LEU C 281 10.98 -2.57 -25.49
N VAL C 282 12.02 -3.04 -24.81
CA VAL C 282 13.31 -3.43 -25.44
C VAL C 282 13.23 -4.95 -25.68
N GLU C 283 12.90 -5.35 -26.90
CA GLU C 283 12.74 -6.79 -27.28
C GLU C 283 14.07 -7.52 -27.11
N PRO C 284 14.07 -8.76 -26.58
CA PRO C 284 15.27 -9.58 -26.57
C PRO C 284 15.57 -10.01 -28.02
N GLU C 285 16.76 -10.53 -28.32
CA GLU C 285 17.20 -10.86 -29.70
C GLU C 285 16.13 -11.70 -30.42
N GLY C 286 15.58 -12.72 -29.76
CA GLY C 286 14.55 -13.60 -30.35
C GLY C 286 13.24 -12.88 -30.72
N GLY C 287 12.96 -11.71 -30.17
CA GLY C 287 11.59 -11.17 -30.05
C GLY C 287 10.91 -11.79 -28.85
N LEU C 288 9.68 -11.40 -28.55
CA LEU C 288 8.88 -12.05 -27.49
C LEU C 288 8.15 -13.23 -28.12
N PRO C 289 7.77 -14.26 -27.35
CA PRO C 289 6.96 -15.35 -27.87
C PRO C 289 5.83 -14.83 -28.76
N GLN C 290 5.60 -15.49 -29.89
CA GLN C 290 4.55 -15.07 -30.85
C GLN C 290 3.22 -15.24 -30.12
N VAL C 291 2.33 -14.29 -30.30
CA VAL C 291 0.98 -14.29 -29.69
C VAL C 291 0.03 -13.66 -30.71
N ASP C 292 -1.27 -13.95 -30.63
CA ASP C 292 -2.25 -13.48 -31.66
C ASP C 292 -2.47 -11.96 -31.50
N ARG C 293 -2.68 -11.47 -30.28
CA ARG C 293 -3.08 -10.05 -30.09
C ARG C 293 -2.40 -9.43 -28.86
N GLU C 294 -1.93 -8.20 -29.03
CA GLU C 294 -1.24 -7.40 -28.01
C GLU C 294 -2.05 -6.17 -27.59
N PHE C 295 -1.92 -5.77 -26.33
CA PHE C 295 -2.62 -4.61 -25.72
C PHE C 295 -1.68 -3.83 -24.81
N TYR C 296 -1.92 -2.51 -24.75
CA TYR C 296 -1.18 -1.48 -23.98
C TYR C 296 -2.11 -0.90 -22.90
N VAL C 297 -1.85 -1.20 -21.64
CA VAL C 297 -2.64 -0.71 -20.48
C VAL C 297 -1.69 -0.17 -19.40
N MET C 298 -1.97 1.05 -18.89
CA MET C 298 -1.23 1.65 -17.77
C MET C 298 -2.22 2.22 -16.75
N GLN C 299 -1.92 2.02 -15.46
CA GLN C 299 -2.75 2.46 -14.31
C GLN C 299 -2.09 3.68 -13.69
N GLY C 300 -2.90 4.68 -13.33
CA GLY C 300 -2.41 5.82 -12.55
C GLY C 300 -3.51 6.42 -11.71
N GLU C 301 -3.13 7.40 -10.90
CA GLU C 301 -4.03 8.09 -9.95
C GLU C 301 -4.09 9.59 -10.30
N ILE C 302 -5.23 10.21 -10.02
CA ILE C 302 -5.41 11.68 -10.11
C ILE C 302 -5.96 12.16 -8.76
N TYR C 303 -5.40 13.27 -8.26
CA TYR C 303 -5.60 13.83 -6.91
C TYR C 303 -6.34 15.16 -7.05
N THR C 304 -7.67 15.13 -6.98
CA THR C 304 -8.53 16.31 -7.20
C THR C 304 -9.02 16.89 -5.88
N VAL C 305 -9.21 18.20 -5.85
CA VAL C 305 -9.82 18.98 -4.74
C VAL C 305 -11.17 18.34 -4.39
N LYS C 306 -12.03 18.12 -5.39
CA LYS C 306 -13.41 17.61 -5.21
C LYS C 306 -13.43 16.09 -5.37
N PRO C 307 -14.37 15.41 -4.67
CA PRO C 307 -14.45 13.96 -4.71
C PRO C 307 -14.70 13.41 -6.12
N PHE C 308 -14.35 12.14 -6.32
CA PHE C 308 -14.76 11.36 -7.51
C PHE C 308 -16.25 11.57 -7.76
N GLY C 309 -16.66 11.81 -9.00
CA GLY C 309 -18.07 11.91 -9.42
C GLY C 309 -18.54 13.36 -9.51
N THR C 310 -17.73 14.32 -9.07
CA THR C 310 -18.01 15.76 -9.16
C THR C 310 -17.89 16.19 -10.63
N SER C 311 -18.90 16.88 -11.16
CA SER C 311 -18.92 17.49 -12.52
C SER C 311 -18.07 18.75 -12.56
N GLY C 312 -17.71 19.20 -13.77
CA GLY C 312 -16.99 20.47 -14.02
C GLY C 312 -15.49 20.27 -14.11
N GLU C 313 -14.75 21.37 -14.09
CA GLU C 313 -13.27 21.34 -14.18
C GLU C 313 -12.72 20.93 -12.81
N GLN C 314 -12.23 19.70 -12.67
CA GLN C 314 -11.49 19.27 -11.46
C GLN C 314 -10.07 19.89 -11.48
N GLU C 315 -9.53 20.17 -10.30
CA GLU C 315 -8.20 20.77 -10.11
C GLU C 315 -7.38 19.91 -9.16
N MET C 316 -6.07 20.05 -9.22
CA MET C 316 -5.12 19.19 -8.49
C MET C 316 -5.06 19.66 -7.02
N ASP C 317 -5.03 18.71 -6.09
CA ASP C 317 -4.99 18.98 -4.64
C ASP C 317 -3.62 18.55 -4.12
N TYR C 318 -2.70 19.50 -3.90
CA TYR C 318 -1.30 19.19 -3.51
C TYR C 318 -1.30 18.36 -2.24
N GLU C 319 -2.10 18.71 -1.23
CA GLU C 319 -2.03 17.98 0.07
C GLU C 319 -2.46 16.53 -0.13
N LYS C 320 -3.37 16.25 -1.07
CA LYS C 320 -3.82 14.87 -1.37
C LYS C 320 -2.70 14.11 -2.09
N LEU C 321 -2.02 14.75 -3.04
CA LEU C 321 -0.91 14.16 -3.82
C LEU C 321 0.21 13.73 -2.85
N ILE C 322 0.74 14.63 -2.02
CA ILE C 322 1.90 14.30 -1.14
C ILE C 322 1.49 13.34 0.00
N SER C 323 0.18 13.22 0.27
CA SER C 323 -0.37 12.31 1.34
C SER C 323 -0.88 11.02 0.72
N GLU C 324 -0.88 10.89 -0.62
CA GLU C 324 -1.28 9.65 -1.32
C GLU C 324 -2.75 9.36 -1.02
N LYS C 325 -3.62 10.35 -1.25
CA LYS C 325 -5.09 10.22 -1.07
C LYS C 325 -5.76 10.62 -2.37
N PRO C 326 -5.66 9.82 -3.44
CA PRO C 326 -6.22 10.20 -4.72
C PRO C 326 -7.75 10.02 -4.75
N GLU C 327 -8.38 10.62 -5.76
CA GLU C 327 -9.85 10.55 -5.97
C GLU C 327 -10.12 9.64 -7.16
N TYR C 328 -9.23 9.66 -8.16
CA TYR C 328 -9.36 8.88 -9.41
C TYR C 328 -8.24 7.84 -9.50
N PHE C 329 -8.64 6.59 -9.73
CA PHE C 329 -7.76 5.45 -10.15
C PHE C 329 -8.16 5.10 -11.59
N LEU C 330 -7.24 5.26 -12.54
CA LEU C 330 -7.59 5.19 -13.99
C LEU C 330 -6.71 4.22 -14.79
N PHE C 331 -7.33 3.51 -15.73
CA PHE C 331 -6.66 2.85 -16.88
C PHE C 331 -6.68 3.82 -18.06
N ASN C 332 -5.50 4.14 -18.59
CA ASN C 332 -5.33 4.91 -19.85
C ASN C 332 -6.12 6.21 -19.73
N GLY C 333 -6.00 6.88 -18.58
CA GLY C 333 -6.19 8.35 -18.50
C GLY C 333 -7.56 8.84 -18.09
N SER C 334 -8.61 8.04 -18.19
CA SER C 334 -10.00 8.56 -18.03
C SER C 334 -10.93 7.50 -17.43
N VAL C 335 -11.99 7.96 -16.79
CA VAL C 335 -13.12 7.08 -16.38
C VAL C 335 -13.82 6.67 -17.68
N GLY C 336 -14.05 5.37 -17.84
CA GLY C 336 -14.65 4.76 -19.04
C GLY C 336 -13.64 4.53 -20.16
N ALA C 337 -12.35 4.87 -19.97
CA ALA C 337 -11.27 4.69 -20.96
C ALA C 337 -11.40 3.30 -21.62
N LEU C 338 -11.44 2.23 -20.84
CA LEU C 338 -11.37 0.83 -21.33
C LEU C 338 -12.73 0.13 -21.19
N THR C 339 -13.80 0.89 -20.94
CA THR C 339 -15.19 0.36 -20.92
C THR C 339 -16.03 1.03 -22.03
N ARG C 340 -16.07 2.36 -22.10
CA ARG C 340 -16.96 3.10 -23.02
C ARG C 340 -16.15 3.58 -24.24
N THR C 341 -15.07 4.33 -24.05
CA THR C 341 -14.42 5.08 -25.17
C THR C 341 -13.48 4.16 -25.96
N HIS C 342 -12.68 3.31 -25.33
CA HIS C 342 -11.66 2.49 -26.03
C HIS C 342 -11.51 1.11 -25.37
N PRO C 343 -12.55 0.26 -25.36
CA PRO C 343 -12.42 -1.06 -24.76
C PRO C 343 -11.51 -1.98 -25.60
N LEU C 344 -11.13 -3.12 -25.02
CA LEU C 344 -10.31 -4.19 -25.65
C LEU C 344 -11.29 -5.14 -26.37
N TYR C 345 -10.94 -5.54 -27.60
CA TYR C 345 -11.67 -6.51 -28.45
C TYR C 345 -10.72 -7.65 -28.85
N ALA C 346 -11.21 -8.89 -28.75
CA ALA C 346 -10.45 -10.10 -29.14
C ALA C 346 -11.42 -11.22 -29.53
N ASN C 347 -10.88 -12.32 -30.08
CA ASN C 347 -11.65 -13.48 -30.59
C ASN C 347 -11.29 -14.74 -29.80
N VAL C 348 -12.30 -15.58 -29.55
CA VAL C 348 -12.12 -16.92 -28.92
C VAL C 348 -10.99 -17.65 -29.66
N GLY C 349 -10.12 -18.36 -28.93
CA GLY C 349 -9.01 -19.13 -29.50
C GLY C 349 -7.72 -18.33 -29.54
N GLU C 350 -7.77 -17.00 -29.45
CA GLU C 350 -6.56 -16.16 -29.56
C GLU C 350 -5.78 -16.20 -28.24
N THR C 351 -4.46 -16.27 -28.33
CA THR C 351 -3.55 -15.92 -27.23
C THR C 351 -3.39 -14.40 -27.23
N VAL C 352 -3.61 -13.79 -26.07
CA VAL C 352 -3.61 -12.32 -25.85
C VAL C 352 -2.43 -11.98 -24.94
N ARG C 353 -1.66 -10.95 -25.30
CA ARG C 353 -0.63 -10.38 -24.41
C ARG C 353 -1.06 -8.97 -23.99
N ILE C 354 -1.04 -8.67 -22.69
CA ILE C 354 -1.20 -7.29 -22.15
C ILE C 354 0.15 -6.81 -21.60
N PHE C 355 0.72 -5.77 -22.21
CA PHE C 355 1.77 -4.93 -21.59
C PHE C 355 1.09 -3.99 -20.58
N PHE C 356 1.31 -4.26 -19.30
CA PHE C 356 0.65 -3.54 -18.16
C PHE C 356 1.72 -2.86 -17.32
N GLY C 357 1.62 -1.54 -17.20
CA GLY C 357 2.53 -0.74 -16.35
C GLY C 357 1.77 0.20 -15.44
N VAL C 358 2.38 0.55 -14.31
CA VAL C 358 1.81 1.52 -13.35
C VAL C 358 2.68 2.78 -13.41
N GLY C 359 2.16 3.83 -14.04
CA GLY C 359 2.68 5.21 -13.94
C GLY C 359 2.63 5.67 -12.50
N GLY C 360 1.49 5.42 -11.84
CA GLY C 360 1.28 5.74 -10.41
C GLY C 360 0.70 7.14 -10.26
N PRO C 361 1.37 8.07 -9.54
CA PRO C 361 2.73 7.90 -9.03
C PRO C 361 2.95 7.06 -7.76
N ASN C 362 1.91 6.59 -7.07
CA ASN C 362 2.09 6.15 -5.66
C ASN C 362 1.64 4.71 -5.40
N PHE C 363 0.60 4.19 -6.06
CA PHE C 363 -0.08 2.94 -5.67
C PHE C 363 0.34 1.73 -6.53
N THR C 364 0.57 0.59 -5.85
CA THR C 364 0.85 -0.76 -6.42
C THR C 364 -0.48 -1.40 -6.85
N SER C 365 -0.57 -1.83 -8.11
CA SER C 365 -1.79 -2.47 -8.65
C SER C 365 -1.74 -3.97 -8.39
N SER C 366 -2.85 -4.55 -7.94
CA SER C 366 -3.05 -6.01 -7.84
C SER C 366 -3.76 -6.45 -9.12
N PHE C 367 -3.04 -6.48 -10.25
CA PHE C 367 -3.63 -6.57 -11.61
C PHE C 367 -4.18 -7.97 -11.80
N HIS C 368 -5.40 -8.04 -12.32
CA HIS C 368 -6.23 -9.27 -12.41
C HIS C 368 -7.26 -9.09 -13.52
N VAL C 369 -7.57 -10.16 -14.22
CA VAL C 369 -8.63 -10.14 -15.27
C VAL C 369 -9.69 -11.11 -14.81
N ILE C 370 -10.85 -10.58 -14.44
CA ILE C 370 -11.97 -11.40 -13.90
C ILE C 370 -12.40 -12.37 -15.01
N GLY C 371 -12.42 -13.67 -14.71
CA GLY C 371 -12.85 -14.73 -15.66
C GLY C 371 -11.71 -15.39 -16.42
N GLU C 372 -10.48 -14.92 -16.23
CA GLU C 372 -9.26 -15.49 -16.85
C GLU C 372 -8.17 -15.72 -15.79
N ILE C 373 -7.18 -16.54 -16.18
CA ILE C 373 -5.95 -16.87 -15.40
C ILE C 373 -4.78 -16.56 -16.32
N PHE C 374 -3.72 -15.99 -15.76
CA PHE C 374 -2.53 -15.64 -16.56
C PHE C 374 -1.74 -16.91 -16.84
N ASP C 375 -1.65 -17.32 -18.12
CA ASP C 375 -0.83 -18.50 -18.51
C ASP C 375 0.61 -18.17 -18.14
N HIS C 376 1.09 -16.98 -18.51
CA HIS C 376 2.47 -16.48 -18.24
C HIS C 376 2.41 -15.08 -17.62
N VAL C 377 3.24 -14.86 -16.61
CA VAL C 377 3.45 -13.54 -15.94
C VAL C 377 4.95 -13.28 -15.92
N TYR C 378 5.40 -12.20 -16.55
CA TYR C 378 6.84 -11.83 -16.58
C TYR C 378 7.09 -11.04 -15.30
N ALA C 379 7.50 -11.73 -14.23
CA ALA C 379 7.64 -11.20 -12.86
C ALA C 379 8.62 -10.01 -12.87
N LEU C 380 8.17 -8.89 -12.31
CA LEU C 380 8.94 -7.63 -12.14
C LEU C 380 9.35 -7.12 -13.52
N GLY C 381 8.62 -7.53 -14.56
CA GLY C 381 8.86 -7.14 -15.96
C GLY C 381 10.15 -7.69 -16.52
N SER C 382 10.65 -8.80 -15.96
CA SER C 382 11.82 -9.53 -16.51
C SER C 382 11.38 -10.27 -17.77
N VAL C 383 12.03 -9.94 -18.87
CA VAL C 383 11.73 -10.51 -20.20
C VAL C 383 12.78 -11.62 -20.44
N THR C 384 13.80 -11.71 -19.58
CA THR C 384 14.94 -12.64 -19.74
C THR C 384 14.80 -13.83 -18.79
N SER C 385 14.18 -13.66 -17.62
CA SER C 385 13.86 -14.78 -16.70
C SER C 385 12.63 -15.52 -17.19
N PRO C 386 12.55 -16.84 -16.93
CA PRO C 386 11.39 -17.62 -17.34
C PRO C 386 10.17 -17.05 -16.65
N PRO C 387 9.05 -16.85 -17.38
CA PRO C 387 7.83 -16.37 -16.75
C PRO C 387 7.21 -17.37 -15.78
N LEU C 388 6.47 -16.87 -14.80
CA LEU C 388 5.64 -17.67 -13.86
C LEU C 388 4.39 -18.11 -14.59
N THR C 389 3.74 -19.17 -14.12
CA THR C 389 2.67 -19.86 -14.88
C THR C 389 1.47 -20.07 -13.96
N GLY C 390 0.26 -19.95 -14.52
CA GLY C 390 -1.00 -20.20 -13.79
C GLY C 390 -1.10 -19.27 -12.59
N VAL C 391 -1.13 -17.96 -12.85
CA VAL C 391 -1.16 -16.87 -11.84
C VAL C 391 -2.49 -16.10 -11.96
N GLN C 392 -3.24 -15.99 -10.85
CA GLN C 392 -4.55 -15.26 -10.79
C GLN C 392 -4.34 -13.75 -10.81
N THR C 393 -3.36 -13.23 -10.05
CA THR C 393 -3.20 -11.78 -9.75
C THR C 393 -1.72 -11.44 -9.52
N VAL C 394 -1.23 -10.34 -10.10
CA VAL C 394 0.19 -9.94 -9.93
C VAL C 394 0.30 -8.48 -9.43
N SER C 395 1.04 -8.27 -8.33
CA SER C 395 1.47 -6.94 -7.82
C SER C 395 2.40 -6.27 -8.83
N VAL C 396 2.06 -5.07 -9.30
CA VAL C 396 2.93 -4.23 -10.17
C VAL C 396 3.14 -2.91 -9.43
N PRO C 397 4.39 -2.56 -9.07
CA PRO C 397 4.63 -1.32 -8.34
C PRO C 397 4.55 -0.12 -9.27
N PRO C 398 4.41 1.10 -8.72
CA PRO C 398 4.61 2.31 -9.51
C PRO C 398 6.05 2.32 -10.04
N GLY C 399 6.26 2.77 -11.28
CA GLY C 399 7.56 2.69 -11.97
C GLY C 399 7.94 1.24 -12.29
N GLY C 400 6.96 0.35 -12.22
CA GLY C 400 7.07 -1.05 -12.63
C GLY C 400 6.10 -1.36 -13.76
N ALA C 401 6.40 -2.41 -14.49
CA ALA C 401 5.55 -2.98 -15.56
C ALA C 401 5.77 -4.48 -15.57
N THR C 402 4.87 -5.19 -16.23
CA THR C 402 4.87 -6.65 -16.41
C THR C 402 4.27 -6.95 -17.78
N ILE C 403 4.33 -8.24 -18.15
CA ILE C 403 3.67 -8.82 -19.33
C ILE C 403 2.86 -10.00 -18.81
N VAL C 404 1.60 -10.07 -19.19
CA VAL C 404 0.76 -11.27 -18.94
C VAL C 404 0.26 -11.74 -20.31
N ASP C 405 0.13 -13.05 -20.50
CA ASP C 405 -0.60 -13.62 -21.65
C ASP C 405 -1.52 -14.73 -21.15
N PHE C 406 -2.54 -15.02 -21.94
CA PHE C 406 -3.51 -16.10 -21.69
C PHE C 406 -4.19 -16.42 -23.02
N LYS C 407 -4.74 -17.63 -23.12
CA LYS C 407 -5.53 -18.05 -24.30
C LYS C 407 -6.99 -17.83 -23.95
N LEU C 408 -7.70 -17.17 -24.86
CA LEU C 408 -9.16 -17.02 -24.78
C LEU C 408 -9.76 -18.35 -25.21
N ASP C 409 -9.97 -19.22 -24.25
CA ASP C 409 -10.56 -20.56 -24.47
C ASP C 409 -12.01 -20.36 -24.92
N ARG C 410 -12.68 -19.33 -24.41
CA ARG C 410 -14.14 -19.14 -24.62
C ARG C 410 -14.51 -17.66 -24.49
N GLY C 411 -15.75 -17.34 -24.83
CA GLY C 411 -16.25 -15.96 -24.97
C GLY C 411 -16.62 -15.36 -23.62
N GLY C 412 -16.85 -14.05 -23.64
CA GLY C 412 -17.32 -13.27 -22.47
C GLY C 412 -16.84 -11.82 -22.52
N ARG C 413 -17.35 -11.01 -21.61
CA ARG C 413 -16.74 -9.71 -21.22
C ARG C 413 -15.76 -9.99 -20.07
N TYR C 414 -14.46 -9.92 -20.33
CA TYR C 414 -13.42 -10.14 -19.30
C TYR C 414 -13.06 -8.76 -18.74
N VAL C 415 -12.91 -8.67 -17.42
CA VAL C 415 -12.83 -7.36 -16.73
C VAL C 415 -11.46 -7.18 -16.09
N LEU C 416 -10.70 -6.19 -16.56
CA LEU C 416 -9.41 -5.75 -15.98
C LEU C 416 -9.69 -4.92 -14.71
N VAL C 417 -9.05 -5.28 -13.59
CA VAL C 417 -9.20 -4.59 -12.28
C VAL C 417 -7.84 -4.50 -11.58
N ASP C 418 -7.70 -3.52 -10.70
CA ASP C 418 -6.78 -3.56 -9.53
C ASP C 418 -7.60 -4.24 -8.43
N HIS C 419 -7.15 -5.36 -7.88
CA HIS C 419 -7.98 -6.22 -6.99
C HIS C 419 -8.03 -5.60 -5.59
N ALA C 420 -7.43 -4.42 -5.38
CA ALA C 420 -7.80 -3.51 -4.28
C ALA C 420 -9.11 -2.83 -4.71
N LEU C 421 -10.23 -3.51 -4.49
CA LEU C 421 -11.44 -3.36 -5.34
C LEU C 421 -12.26 -2.12 -4.97
N SER C 422 -11.94 -1.44 -3.85
CA SER C 422 -12.52 -0.11 -3.57
C SER C 422 -12.20 0.82 -4.76
N ARG C 423 -11.16 0.52 -5.53
CA ARG C 423 -10.73 1.40 -6.63
C ARG C 423 -11.68 1.27 -7.82
N LEU C 424 -12.57 0.28 -7.82
CA LEU C 424 -13.73 0.23 -8.74
C LEU C 424 -14.51 1.54 -8.60
N ASP C 425 -14.76 1.94 -7.36
CA ASP C 425 -15.61 3.11 -7.00
C ASP C 425 -14.83 4.42 -7.23
N HIS C 426 -13.63 4.38 -7.81
CA HIS C 426 -12.82 5.59 -8.19
C HIS C 426 -12.47 5.58 -9.70
N GLY C 427 -13.14 4.76 -10.52
CA GLY C 427 -13.03 4.77 -11.99
C GLY C 427 -12.16 3.66 -12.58
N LEU C 428 -11.61 2.75 -11.78
CA LEU C 428 -10.59 1.75 -12.22
C LEU C 428 -11.25 0.43 -12.59
N VAL C 429 -11.61 0.30 -13.85
CA VAL C 429 -12.21 -0.94 -14.44
C VAL C 429 -12.09 -0.84 -15.97
N GLY C 430 -11.80 -1.97 -16.62
CA GLY C 430 -11.70 -2.08 -18.09
C GLY C 430 -12.38 -3.34 -18.58
N PHE C 431 -12.81 -3.33 -19.84
CA PHE C 431 -13.45 -4.48 -20.51
C PHE C 431 -12.58 -5.01 -21.65
N LEU C 432 -12.44 -6.35 -21.66
CA LEU C 432 -11.96 -7.15 -22.81
C LEU C 432 -13.17 -7.92 -23.34
N ASN C 433 -13.70 -7.45 -24.48
CA ASN C 433 -14.94 -7.98 -25.10
C ASN C 433 -14.55 -9.08 -26.09
N VAL C 434 -15.13 -10.27 -25.92
CA VAL C 434 -14.82 -11.50 -26.70
C VAL C 434 -16.16 -12.21 -26.98
N ASP C 435 -16.73 -12.07 -28.18
CA ASP C 435 -18.05 -12.71 -28.50
C ASP C 435 -17.85 -14.22 -28.68
N GLY C 436 -18.85 -14.98 -28.22
CA GLY C 436 -18.90 -16.45 -28.16
C GLY C 436 -20.12 -16.87 -27.38
N PRO C 437 -20.53 -18.16 -27.38
CA PRO C 437 -21.79 -18.56 -26.74
C PRO C 437 -21.75 -18.29 -25.21
N LYS C 438 -22.92 -18.11 -24.57
CA LYS C 438 -23.01 -17.96 -23.09
C LYS C 438 -22.56 -19.26 -22.41
N ASN C 439 -23.09 -20.40 -22.89
CA ASN C 439 -22.85 -21.75 -22.33
C ASN C 439 -22.01 -22.60 -23.31
N ASP C 440 -20.86 -23.10 -22.84
CA ASP C 440 -20.04 -24.15 -23.49
C ASP C 440 -19.57 -25.13 -22.39
N ALA C 441 -18.69 -26.08 -22.75
CA ALA C 441 -18.20 -27.15 -21.85
C ALA C 441 -17.30 -26.58 -20.74
N ILE C 442 -16.72 -25.39 -20.92
CA ILE C 442 -15.72 -24.75 -19.99
C ILE C 442 -16.48 -24.03 -18.86
N MET C 443 -17.61 -23.38 -19.17
CA MET C 443 -18.51 -22.78 -18.14
C MET C 443 -19.93 -22.65 -18.70
N HIS C 444 -20.94 -23.13 -17.96
CA HIS C 444 -22.36 -23.05 -18.38
C HIS C 444 -23.29 -23.07 -17.15
N GLU C 445 -24.54 -22.65 -17.36
CA GLU C 445 -25.55 -22.64 -16.29
C GLU C 445 -26.10 -24.06 -16.16
N GLY C 446 -26.64 -24.43 -14.99
CA GLY C 446 -27.18 -25.77 -14.73
C GLY C 446 -26.04 -26.78 -14.56
N PRO C 447 -26.36 -28.04 -14.16
CA PRO C 447 -25.33 -29.04 -13.86
C PRO C 447 -24.82 -29.69 -15.15
N PRO C 448 -23.79 -30.56 -15.05
CA PRO C 448 -23.15 -31.12 -16.26
C PRO C 448 -24.08 -32.17 -16.90
N LYS C 449 -23.99 -32.33 -18.23
CA LYS C 449 -24.98 -33.02 -19.10
C LYS C 449 -24.34 -34.29 -19.68
#